data_7RMI
#
_entry.id   7RMI
#
_cell.length_a   1.00
_cell.length_b   1.00
_cell.length_c   1.00
_cell.angle_alpha   90.00
_cell.angle_beta   90.00
_cell.angle_gamma   90.00
#
_symmetry.space_group_name_H-M   'P 1'
#
loop_
_entity.id
_entity.type
_entity.pdbx_description
1 polymer 'Guanine nucleotide-binding protein G(s) subunit alpha isoforms short, with certain residues mutated to match Guanine nucleotide-binding protein G(q) subunit'
2 polymer 'Substance-P receptor'
3 polymer 'Substance P 6-11'
4 polymer 'Guanine nucleotide-binding protein G(I)/G(S)/G(T) subunit beta-1'
5 polymer 'Guanine nucleotide-binding protein G(I)/G(S)/G(O) subunit gamma-2'
6 polymer 'Nanobody 35'
#
loop_
_entity_poly.entity_id
_entity_poly.type
_entity_poly.pdbx_seq_one_letter_code
_entity_poly.pdbx_strand_id
1 'polypeptide(L)'
;GIEKQLQKDKQVYRATHRLLLLGADNSGKSTIVKQMRILHGGSGGSGGTSGIFETKFQVDKVNFHMFDVGGQRDERRKWI
QCFNDVTAIIFVVDSSDYNRLQEALNDFKSIWNNRWLRTISVILFLNKQDLLAEKVLAGKSKIEDYFPEFARYTTPEDAT
PEPGEDPRVTRAKYFIRDEFLRISTASGDGRHYCYPHFTCAVDTENARRIFNDCKDIILQMNLREYNLV
;
A
2 'polypeptide(L)'
;DYKDDDDASIDMDNVLPVDSDLSPNISTNTSEPNQFVQPAWQIVLWAAAYTVIVVTSVVGNVVVMWIILAHKRMRTVTNY
FLVNLAFAEASMAAFNTVVNFTYAVHNEWYYGLFYCKFHNFFPIAAVFASIYSMTAVAFDRYMAIIHPLQPRLSATATKV
VICVIWVLALLLAFPQGYYSTTETMPSRVVCMIEWPEHPNKIYEKVYHICVTVLIYFLPLLVIGYAYTVVGITLWASEIP
GDSSDRYHEQVSAKRKVVKMMIVVVCTFAICWLPFHIFFLLPYINPDLYLKKFIQQVYLAIMWLAMSSTMYNPIIYCCLN
DRFRLGFKHAFRCCPFISAGDYEGLEMKSTRYLQTQGSVYKVSRLETTISTVVGAHEEEPEDGPKATPSSLDLTSNCSSR
SDSKTMTESFSFSSNVLS
;
R
3 'polypeptide(L)' QFFGLM(NH2) S
4 'polypeptide(L)'
;MHHHHHHLEVLFQGPEDQVDPRLIDGKGSSGSELDQLRQEAEQLKNQIRDARKACADATLSQITNNIDPVGRIQMRTRRT
LRGHLAKIYAMHWGTDSRLLVSASQDGKLIIWDSYTTNKVHAIPLRSSWVMTCAYAPSGNYVACGGLDNICSIYNLKTRE
GNVRVSRELAGHTGYLSCCRFLDDNQIVTSSGDTTCALWDIETGQQTTTFTGHTGDVMSLSLAPDTRLFVSGACDASAKL
WDVREGMCRQTFTGHESDINAICFFPNGNAFATGSDDATCRLFDLRADQELMTYSHDNIICGITSVSFSKSGRLLLAGYD
DFNCNVWDALKADRAGVLAGHDNRVSCLGVTDDGMAVATGSWDSFLKIWN
;
B
5 'polypeptide(L)' MASNNTASIAQARKLVEQLKMEANIDRIKVSKAAADLMAYCEAHAKEDPLLTPVPASENPFREKKFFC G
6 'polypeptide(L)'
;QVQLQESGGGLVQPGGSLRLSCAASGFTFSNYKMNWVRQAPGKGLEWVSDISQSGASISYTGSVKGRFTISRDNAKNTLY
LQMNSLKPEDTAVYYCARCPAPFTRDCFDVTSTTYAYRGQGTQVTVSSGSEDQVDPRLIDGK
;
N
#
loop_
_chem_comp.id
_chem_comp.type
_chem_comp.name
_chem_comp.formula
NH2 non-polymer 'AMINO GROUP' 'H2 N'
#
# COMPACT_ATOMS: atom_id res chain seq x y z
N GLY A 1 -29.76 -7.75 -0.79
CA GLY A 1 -28.72 -8.51 -1.46
C GLY A 1 -27.71 -7.64 -2.18
N ILE A 2 -27.42 -6.48 -1.59
CA ILE A 2 -26.42 -5.58 -2.16
C ILE A 2 -25.02 -6.17 -1.98
N GLU A 3 -24.73 -6.71 -0.79
CA GLU A 3 -23.42 -7.28 -0.53
C GLU A 3 -23.20 -8.61 -1.24
N LYS A 4 -24.28 -9.30 -1.63
CA LYS A 4 -24.13 -10.54 -2.37
C LYS A 4 -23.70 -10.28 -3.81
N GLN A 5 -24.16 -9.20 -4.41
CA GLN A 5 -23.79 -8.86 -5.78
C GLN A 5 -22.37 -8.32 -5.89
N LEU A 6 -21.83 -7.76 -4.81
CA LEU A 6 -20.48 -7.22 -4.84
C LEU A 6 -19.41 -8.30 -4.95
N GLN A 7 -19.60 -9.43 -4.26
CA GLN A 7 -18.57 -10.47 -4.15
C GLN A 7 -18.23 -11.08 -5.51
N LYS A 8 -19.25 -11.32 -6.34
CA LYS A 8 -19.00 -11.76 -7.71
C LYS A 8 -18.22 -10.71 -8.48
N ASP A 9 -18.57 -9.43 -8.30
CA ASP A 9 -17.79 -8.34 -8.88
C ASP A 9 -16.39 -8.29 -8.29
N LYS A 10 -16.22 -8.80 -7.06
CA LYS A 10 -14.90 -8.95 -6.47
C LYS A 10 -14.02 -9.86 -7.31
N GLN A 11 -14.61 -10.95 -7.84
CA GLN A 11 -13.87 -11.81 -8.77
C GLN A 11 -13.50 -11.05 -10.04
N VAL A 12 -14.38 -10.14 -10.46
CA VAL A 12 -14.10 -9.32 -11.64
C VAL A 12 -12.94 -8.36 -11.35
N TYR A 13 -12.72 -8.02 -10.07
CA TYR A 13 -11.57 -7.19 -9.76
C TYR A 13 -10.30 -8.03 -9.65
N ARG A 14 -10.45 -9.32 -9.34
CA ARG A 14 -9.27 -10.08 -8.95
C ARG A 14 -8.66 -10.86 -10.11
N ALA A 15 -9.45 -11.26 -11.09
CA ALA A 15 -8.94 -12.01 -12.23
C ALA A 15 -8.32 -11.12 -13.30
N THR A 16 -8.42 -9.79 -13.17
CA THR A 16 -7.92 -8.85 -14.16
C THR A 16 -6.76 -8.07 -13.59
N HIS A 17 -5.63 -8.09 -14.30
CA HIS A 17 -4.43 -7.37 -13.91
C HIS A 17 -4.31 -6.10 -14.75
N ARG A 18 -4.10 -4.97 -14.09
CA ARG A 18 -4.01 -3.68 -14.75
C ARG A 18 -2.55 -3.34 -15.05
N LEU A 19 -2.35 -2.59 -16.13
CA LEU A 19 -1.02 -2.21 -16.58
C LEU A 19 -0.99 -0.71 -16.90
N LEU A 20 0.13 -0.06 -16.58
CA LEU A 20 0.29 1.36 -16.83
C LEU A 20 1.35 1.59 -17.89
N LEU A 21 0.99 2.29 -18.96
CA LEU A 21 1.86 2.47 -20.12
C LEU A 21 2.39 3.89 -20.15
N LEU A 22 3.70 4.05 -20.32
CA LEU A 22 4.30 5.36 -20.56
C LEU A 22 5.15 5.32 -21.82
N GLY A 23 5.87 6.41 -22.05
CA GLY A 23 6.69 6.62 -23.21
C GLY A 23 6.60 8.06 -23.65
N ALA A 24 6.95 8.31 -24.91
CA ALA A 24 6.85 9.63 -25.51
C ALA A 24 6.00 9.54 -26.77
N ASP A 25 5.97 10.65 -27.52
CA ASP A 25 5.16 10.71 -28.72
C ASP A 25 5.79 9.91 -29.86
N ASN A 26 7.13 9.90 -29.94
CA ASN A 26 7.79 9.20 -31.04
C ASN A 26 7.77 7.69 -30.85
N SER A 27 7.75 7.22 -29.61
CA SER A 27 7.72 5.79 -29.34
C SER A 27 6.35 5.22 -29.68
N GLY A 28 6.34 4.00 -30.23
CA GLY A 28 5.11 3.38 -30.66
C GLY A 28 4.32 2.74 -29.52
N LYS A 29 3.73 3.57 -28.67
CA LYS A 29 2.92 3.05 -27.57
C LYS A 29 1.61 2.44 -28.07
N SER A 30 1.05 3.00 -29.14
CA SER A 30 -0.23 2.51 -29.66
C SER A 30 -0.11 1.19 -30.39
N THR A 31 1.02 0.96 -31.06
CA THR A 31 1.17 -0.25 -31.87
C THR A 31 1.65 -1.44 -31.06
N ILE A 32 1.91 -1.28 -29.77
CA ILE A 32 2.31 -2.40 -28.92
C ILE A 32 1.06 -3.06 -28.33
N ILE A 52 -8.46 9.56 -21.59
CA ILE A 52 -7.39 8.58 -21.54
C ILE A 52 -7.76 7.36 -22.39
N PHE A 53 -6.76 6.58 -22.76
CA PHE A 53 -6.96 5.43 -23.63
C PHE A 53 -6.90 4.14 -22.82
N GLU A 54 -7.82 3.24 -23.13
CA GLU A 54 -7.96 1.98 -22.43
C GLU A 54 -7.93 0.85 -23.44
N THR A 55 -7.20 -0.23 -23.12
CA THR A 55 -7.19 -1.40 -23.98
C THR A 55 -7.26 -2.66 -23.11
N LYS A 56 -7.72 -3.75 -23.71
CA LYS A 56 -7.90 -5.01 -23.00
C LYS A 56 -7.51 -6.16 -23.91
N PHE A 57 -6.78 -7.13 -23.36
CA PHE A 57 -6.37 -8.30 -24.14
C PHE A 57 -6.27 -9.49 -23.22
N GLN A 58 -6.71 -10.65 -23.69
CA GLN A 58 -6.72 -11.88 -22.90
C GLN A 58 -5.70 -12.84 -23.48
N VAL A 59 -4.74 -13.24 -22.64
CA VAL A 59 -3.75 -14.26 -22.99
C VAL A 59 -3.77 -15.35 -21.92
N ASP A 60 -3.77 -16.61 -22.39
CA ASP A 60 -3.85 -17.81 -21.55
C ASP A 60 -5.05 -17.79 -20.61
N LYS A 61 -6.19 -17.30 -21.13
CA LYS A 61 -7.44 -17.09 -20.39
C LYS A 61 -7.26 -16.18 -19.17
N VAL A 62 -6.33 -15.24 -19.26
CA VAL A 62 -6.09 -14.23 -18.23
C VAL A 62 -6.19 -12.87 -18.90
N ASN A 63 -7.01 -11.99 -18.33
CA ASN A 63 -7.28 -10.69 -18.93
C ASN A 63 -6.36 -9.63 -18.36
N PHE A 64 -5.69 -8.89 -19.26
CA PHE A 64 -4.90 -7.72 -18.91
C PHE A 64 -5.60 -6.49 -19.47
N HIS A 65 -5.50 -5.38 -18.73
CA HIS A 65 -6.29 -4.21 -19.04
C HIS A 65 -5.39 -2.99 -18.84
N MET A 66 -4.88 -2.45 -19.94
CA MET A 66 -3.77 -1.50 -19.93
C MET A 66 -4.24 -0.08 -20.21
N PHE A 67 -3.64 0.87 -19.48
CA PHE A 67 -4.06 2.27 -19.45
C PHE A 67 -2.97 3.15 -20.07
N ASP A 68 -3.40 4.16 -20.81
CA ASP A 68 -2.48 5.14 -21.41
C ASP A 68 -3.09 6.50 -21.14
N VAL A 69 -2.57 7.20 -20.14
CA VAL A 69 -3.07 8.52 -19.75
C VAL A 69 -2.42 9.57 -20.62
N GLY A 70 -3.23 10.26 -21.41
CA GLY A 70 -2.70 11.26 -22.33
C GLY A 70 -3.55 12.51 -22.46
N GLY A 71 -4.50 12.69 -21.53
CA GLY A 71 -5.35 13.86 -21.56
C GLY A 71 -4.97 14.97 -20.61
N GLN A 72 -4.02 14.72 -19.72
CA GLN A 72 -3.67 15.68 -18.68
C GLN A 72 -2.50 16.55 -19.15
N ARG A 73 -1.96 17.37 -18.25
CA ARG A 73 -0.87 18.26 -18.58
C ARG A 73 0.47 17.54 -18.49
N ASP A 74 1.55 18.28 -18.71
CA ASP A 74 2.89 17.71 -18.65
C ASP A 74 3.37 17.50 -17.22
N GLU A 75 2.75 18.17 -16.24
CA GLU A 75 3.10 17.94 -14.86
C GLU A 75 2.47 16.64 -14.37
N ARG A 76 3.30 15.70 -13.92
CA ARG A 76 2.83 14.35 -13.61
C ARG A 76 3.16 13.95 -12.16
N ARG A 77 3.43 14.91 -11.29
CA ARG A 77 3.84 14.56 -9.93
C ARG A 77 2.67 14.31 -9.00
N LYS A 78 1.43 14.48 -9.46
CA LYS A 78 0.26 14.32 -8.61
C LYS A 78 -0.64 13.17 -9.03
N TRP A 79 -0.97 13.05 -10.32
CA TRP A 79 -1.89 12.00 -10.73
C TRP A 79 -1.20 10.64 -10.84
N ILE A 80 0.13 10.59 -10.92
CA ILE A 80 0.85 9.31 -10.94
C ILE A 80 0.74 8.57 -9.62
N GLN A 81 0.39 9.27 -8.54
CA GLN A 81 0.05 8.66 -7.27
C GLN A 81 -1.20 7.78 -7.36
N CYS A 82 -2.02 7.99 -8.39
CA CYS A 82 -3.14 7.10 -8.63
C CYS A 82 -2.69 5.70 -9.05
N PHE A 83 -1.47 5.56 -9.57
CA PHE A 83 -1.04 4.27 -10.08
C PHE A 83 -0.10 3.54 -9.13
N ASN A 84 -0.38 3.61 -7.83
CA ASN A 84 0.46 2.92 -6.85
C ASN A 84 0.22 1.41 -6.85
N ASP A 85 -1.01 0.99 -7.12
CA ASP A 85 -1.39 -0.41 -6.97
C ASP A 85 -1.47 -1.16 -8.31
N VAL A 86 -0.93 -0.60 -9.38
CA VAL A 86 -0.98 -1.24 -10.68
C VAL A 86 0.08 -2.33 -10.72
N THR A 87 -0.13 -3.37 -11.54
CA THR A 87 0.76 -4.53 -11.53
C THR A 87 2.14 -4.20 -12.11
N ALA A 88 2.18 -3.54 -13.27
CA ALA A 88 3.45 -3.25 -13.91
C ALA A 88 3.35 -1.98 -14.73
N ILE A 89 4.50 -1.35 -14.93
CA ILE A 89 4.61 -0.14 -15.74
C ILE A 89 5.43 -0.48 -16.98
N ILE A 90 4.81 -0.39 -18.15
CA ILE A 90 5.50 -0.60 -19.42
C ILE A 90 6.09 0.72 -19.87
N PHE A 91 7.41 0.81 -19.87
CA PHE A 91 8.14 2.00 -20.28
C PHE A 91 8.74 1.73 -21.66
N VAL A 92 8.23 2.43 -22.68
CA VAL A 92 8.65 2.25 -24.05
C VAL A 92 9.58 3.38 -24.44
N VAL A 93 10.74 3.04 -25.00
CA VAL A 93 11.81 4.00 -25.28
C VAL A 93 12.13 3.98 -26.76
N ASP A 94 12.14 5.15 -27.37
CA ASP A 94 12.70 5.36 -28.71
C ASP A 94 14.22 5.20 -28.64
N SER A 95 14.76 4.28 -29.44
CA SER A 95 16.20 4.00 -29.42
C SER A 95 16.94 4.53 -30.64
N SER A 96 16.23 4.80 -31.75
CA SER A 96 16.90 5.20 -32.98
C SER A 96 17.40 6.63 -32.93
N ASP A 97 16.59 7.55 -32.41
CA ASP A 97 16.97 8.97 -32.38
C ASP A 97 17.79 9.21 -31.13
N TYR A 98 19.12 9.32 -31.30
CA TYR A 98 20.05 9.35 -30.17
C TYR A 98 19.96 10.63 -29.35
N ASN A 99 19.40 11.71 -29.92
CA ASN A 99 19.30 12.96 -29.19
C ASN A 99 18.20 12.94 -28.13
N ARG A 100 17.28 11.97 -28.20
CA ARG A 100 16.15 11.91 -27.29
C ARG A 100 16.27 10.79 -26.27
N LEU A 101 17.44 10.14 -26.16
CA LEU A 101 17.62 9.12 -25.13
C LEU A 101 17.80 9.72 -23.73
N GLN A 102 18.40 10.90 -23.62
CA GLN A 102 18.72 11.46 -22.30
C GLN A 102 17.47 11.81 -21.51
N GLU A 103 16.42 12.27 -22.21
CA GLU A 103 15.14 12.48 -21.56
C GLU A 103 14.54 11.18 -21.06
N ALA A 104 14.72 10.08 -21.82
CA ALA A 104 14.24 8.79 -21.38
C ALA A 104 15.02 8.27 -20.17
N LEU A 105 16.33 8.52 -20.13
CA LEU A 105 17.14 8.16 -18.96
C LEU A 105 16.70 8.94 -17.72
N ASN A 106 16.42 10.24 -17.89
CA ASN A 106 15.99 11.06 -16.76
C ASN A 106 14.60 10.65 -16.27
N ASP A 107 13.69 10.33 -17.19
CA ASP A 107 12.37 9.84 -16.82
C ASP A 107 12.45 8.50 -16.10
N PHE A 108 13.33 7.61 -16.57
CA PHE A 108 13.50 6.31 -15.92
C PHE A 108 14.09 6.45 -14.52
N LYS A 109 15.06 7.35 -14.36
CA LYS A 109 15.64 7.59 -13.04
C LYS A 109 14.62 8.19 -12.09
N SER A 110 13.80 9.13 -12.57
CA SER A 110 12.77 9.75 -11.74
C SER A 110 11.68 8.76 -11.35
N ILE A 111 11.31 7.86 -12.27
CA ILE A 111 10.33 6.82 -11.96
C ILE A 111 10.90 5.83 -10.95
N TRP A 112 12.15 5.40 -11.16
CA TRP A 112 12.75 4.40 -10.30
C TRP A 112 13.05 4.92 -8.90
N ASN A 113 13.25 6.23 -8.76
CA ASN A 113 13.56 6.82 -7.46
C ASN A 113 12.34 7.46 -6.80
N ASN A 114 11.14 7.20 -7.29
CA ASN A 114 9.94 7.78 -6.71
C ASN A 114 9.54 7.05 -5.43
N ARG A 115 8.93 7.79 -4.51
CA ARG A 115 8.52 7.21 -3.23
C ARG A 115 7.26 6.37 -3.36
N TRP A 116 6.33 6.79 -4.21
CA TRP A 116 5.06 6.11 -4.38
C TRP A 116 5.07 5.12 -5.54
N LEU A 117 6.21 4.91 -6.17
CA LEU A 117 6.31 4.00 -7.30
C LEU A 117 7.41 2.96 -7.09
N ARG A 118 8.00 2.89 -5.89
CA ARG A 118 9.16 2.04 -5.64
C ARG A 118 8.79 0.59 -5.37
N THR A 119 7.51 0.27 -5.15
CA THR A 119 7.12 -1.10 -4.89
C THR A 119 6.92 -1.87 -6.18
N ILE A 120 6.25 -1.27 -7.14
CA ILE A 120 5.89 -1.95 -8.38
C ILE A 120 7.06 -1.88 -9.36
N SER A 121 6.99 -2.69 -10.40
CA SER A 121 8.13 -2.90 -11.28
C SER A 121 7.84 -2.40 -12.69
N VAL A 122 8.92 -2.19 -13.43
CA VAL A 122 8.89 -1.60 -14.77
C VAL A 122 9.34 -2.65 -15.77
N ILE A 123 8.48 -2.94 -16.73
CA ILE A 123 8.85 -3.73 -17.90
C ILE A 123 9.29 -2.75 -18.98
N LEU A 124 10.51 -2.91 -19.47
CA LEU A 124 11.14 -1.95 -20.36
C LEU A 124 11.12 -2.47 -21.78
N PHE A 125 10.54 -1.68 -22.69
CA PHE A 125 10.51 -2.00 -24.11
C PHE A 125 11.38 -0.98 -24.85
N LEU A 126 12.22 -1.46 -25.74
CA LEU A 126 13.08 -0.61 -26.56
C LEU A 126 12.59 -0.75 -27.99
N ASN A 127 11.80 0.23 -28.45
CA ASN A 127 11.04 0.05 -29.68
C ASN A 127 11.89 0.42 -30.89
N LYS A 128 11.33 0.12 -32.07
CA LYS A 128 11.87 0.32 -33.43
C LYS A 128 13.37 -0.05 -33.53
N GLN A 129 13.63 -1.33 -33.32
CA GLN A 129 14.99 -1.85 -33.44
C GLN A 129 15.46 -1.89 -34.89
N ASP A 130 14.56 -2.14 -35.84
CA ASP A 130 14.92 -2.15 -37.25
C ASP A 130 15.31 -0.75 -37.73
N LEU A 131 14.65 0.28 -37.19
CA LEU A 131 15.04 1.64 -37.51
C LEU A 131 16.41 1.98 -36.92
N LEU A 132 16.73 1.42 -35.75
CA LEU A 132 18.06 1.59 -35.17
C LEU A 132 19.12 0.91 -36.03
N ALA A 133 18.83 -0.29 -36.52
CA ALA A 133 19.78 -1.00 -37.38
C ALA A 133 19.99 -0.27 -38.71
N GLU A 134 18.90 0.26 -39.30
CA GLU A 134 19.03 1.03 -40.52
C GLU A 134 19.75 2.35 -40.30
N LYS A 135 19.63 2.95 -39.11
CA LYS A 135 20.34 4.18 -38.83
C LYS A 135 21.82 3.93 -38.58
N VAL A 136 22.15 2.87 -37.86
CA VAL A 136 23.56 2.62 -37.53
C VAL A 136 24.30 1.97 -38.70
N LEU A 137 23.59 1.39 -39.67
CA LEU A 137 24.21 0.90 -40.90
C LEU A 137 24.27 1.97 -41.99
N ALA A 138 24.26 3.24 -41.62
CA ALA A 138 24.42 4.33 -42.57
C ALA A 138 25.76 5.02 -42.36
N TYR A 146 27.28 12.39 -28.04
CA TYR A 146 26.14 12.34 -27.12
C TYR A 146 26.50 11.56 -25.86
N PHE A 147 27.07 10.38 -26.04
CA PHE A 147 27.55 9.56 -24.93
C PHE A 147 29.06 9.44 -25.00
N PRO A 148 29.81 10.14 -24.14
CA PRO A 148 31.28 10.09 -24.23
C PRO A 148 31.90 8.85 -23.61
N GLU A 149 31.13 8.03 -22.90
CA GLU A 149 31.61 6.78 -22.35
C GLU A 149 31.36 5.60 -23.26
N PHE A 150 30.84 5.82 -24.46
CA PHE A 150 30.58 4.73 -25.38
C PHE A 150 31.86 4.15 -25.97
N ALA A 151 32.90 4.97 -26.12
CA ALA A 151 34.14 4.52 -26.75
C ALA A 151 34.86 3.49 -25.89
N ARG A 152 34.88 3.69 -24.57
CA ARG A 152 35.50 2.74 -23.65
C ARG A 152 34.47 1.74 -23.12
N TYR A 153 33.82 1.05 -24.06
CA TYR A 153 32.82 0.06 -23.73
C TYR A 153 33.06 -1.15 -24.62
N THR A 154 32.98 -2.34 -24.03
CA THR A 154 33.09 -3.61 -24.74
C THR A 154 31.82 -4.40 -24.55
N THR A 155 31.49 -5.21 -25.55
CA THR A 155 30.28 -6.03 -25.49
C THR A 155 30.45 -7.15 -24.48
N PRO A 156 29.51 -7.32 -23.52
CA PRO A 156 29.56 -8.39 -22.52
C PRO A 156 29.43 -9.78 -23.11
N ASP A 166 26.59 -6.04 -38.43
CA ASP A 166 26.11 -7.10 -37.56
C ASP A 166 26.86 -7.27 -36.21
N PRO A 167 28.18 -7.05 -36.14
CA PRO A 167 28.79 -6.88 -34.80
C PRO A 167 28.59 -5.50 -34.20
N ARG A 168 28.26 -4.49 -35.01
CA ARG A 168 28.06 -3.15 -34.47
C ARG A 168 26.72 -3.04 -33.75
N VAL A 169 25.69 -3.69 -34.30
CA VAL A 169 24.33 -3.56 -33.79
C VAL A 169 24.20 -4.18 -32.40
N THR A 170 24.97 -5.24 -32.12
CA THR A 170 24.94 -5.86 -30.81
C THR A 170 25.53 -4.93 -29.75
N ARG A 171 26.65 -4.28 -30.07
CA ARG A 171 27.24 -3.29 -29.18
C ARG A 171 26.32 -2.09 -28.94
N ALA A 172 25.65 -1.60 -29.98
CA ALA A 172 24.71 -0.50 -29.81
C ALA A 172 23.50 -0.90 -28.97
N LYS A 173 22.93 -2.08 -29.24
CA LYS A 173 21.74 -2.54 -28.52
C LYS A 173 22.03 -2.77 -27.05
N TYR A 174 23.14 -3.43 -26.74
CA TYR A 174 23.45 -3.66 -25.33
C TYR A 174 24.04 -2.44 -24.63
N PHE A 175 24.54 -1.43 -25.37
CA PHE A 175 24.79 -0.13 -24.76
C PHE A 175 23.50 0.53 -24.31
N ILE A 176 22.49 0.51 -25.19
CA ILE A 176 21.18 1.09 -24.87
C ILE A 176 20.54 0.35 -23.70
N ARG A 177 20.70 -0.97 -23.67
CA ARG A 177 20.18 -1.77 -22.57
C ARG A 177 20.91 -1.48 -21.26
N ASP A 178 22.25 -1.41 -21.30
CA ASP A 178 23.03 -1.28 -20.08
C ASP A 178 22.94 0.12 -19.48
N GLU A 179 22.71 1.15 -20.30
CA GLU A 179 22.55 2.49 -19.75
C GLU A 179 21.26 2.62 -18.94
N PHE A 180 20.23 1.85 -19.29
CA PHE A 180 19.03 1.78 -18.47
C PHE A 180 19.22 0.86 -17.27
N LEU A 181 19.95 -0.25 -17.45
CA LEU A 181 20.11 -1.19 -16.36
C LEU A 181 21.04 -0.72 -15.26
N ARG A 182 21.98 0.20 -15.55
CA ARG A 182 22.78 0.75 -14.47
C ARG A 182 21.92 1.63 -13.55
N ILE A 183 20.94 2.33 -14.13
CA ILE A 183 20.00 3.10 -13.32
C ILE A 183 19.06 2.17 -12.56
N SER A 184 18.57 1.11 -13.22
CA SER A 184 17.61 0.22 -12.58
C SER A 184 18.25 -0.61 -11.46
N THR A 185 19.52 -0.94 -11.59
CA THR A 185 20.24 -1.67 -10.56
C THR A 185 21.06 -0.76 -9.64
N ALA A 186 21.00 0.56 -9.84
CA ALA A 186 21.69 1.47 -8.94
C ALA A 186 21.06 1.48 -7.54
N SER A 187 19.73 1.46 -7.48
CA SER A 187 19.03 1.45 -6.20
C SER A 187 17.69 0.77 -6.38
N GLY A 188 17.15 0.27 -5.27
CA GLY A 188 15.86 -0.39 -5.26
C GLY A 188 15.78 -1.68 -6.04
N ASP A 189 16.85 -2.48 -6.01
CA ASP A 189 16.86 -3.74 -6.76
C ASP A 189 16.04 -4.81 -6.06
N GLY A 190 15.99 -4.80 -4.72
CA GLY A 190 15.29 -5.84 -4.00
C GLY A 190 13.79 -5.71 -4.05
N ARG A 191 13.28 -4.48 -4.08
CA ARG A 191 11.83 -4.29 -4.06
C ARG A 191 11.20 -4.61 -5.41
N HIS A 192 11.85 -4.23 -6.51
CA HIS A 192 11.29 -4.41 -7.83
C HIS A 192 12.41 -4.54 -8.85
N TYR A 193 12.07 -5.09 -10.01
CA TYR A 193 13.04 -5.44 -11.04
C TYR A 193 12.69 -4.74 -12.34
N CYS A 194 13.62 -4.80 -13.29
CA CYS A 194 13.43 -4.24 -14.63
C CYS A 194 13.62 -5.36 -15.65
N TYR A 195 12.73 -5.43 -16.63
CA TYR A 195 12.74 -6.48 -17.65
C TYR A 195 12.94 -5.84 -19.01
N PRO A 196 14.18 -5.79 -19.51
CA PRO A 196 14.43 -5.20 -20.83
C PRO A 196 13.92 -6.10 -21.93
N HIS A 197 13.52 -5.47 -23.03
CA HIS A 197 12.99 -6.20 -24.19
C HIS A 197 13.36 -5.44 -25.45
N PHE A 198 13.78 -6.19 -26.47
CA PHE A 198 14.12 -5.62 -27.77
C PHE A 198 13.02 -5.97 -28.76
N THR A 199 12.39 -4.95 -29.33
CA THR A 199 11.25 -5.15 -30.23
C THR A 199 11.22 -4.05 -31.28
N CYS A 200 10.48 -4.31 -32.34
CA CYS A 200 10.27 -3.37 -33.42
C CYS A 200 8.78 -3.16 -33.62
N ALA A 201 8.44 -2.29 -34.57
CA ALA A 201 7.03 -2.00 -34.85
C ALA A 201 6.34 -3.12 -35.61
N VAL A 202 7.10 -4.01 -36.26
CA VAL A 202 6.52 -5.10 -37.02
C VAL A 202 6.49 -6.40 -36.22
N ASP A 203 6.62 -6.30 -34.89
CA ASP A 203 6.55 -7.47 -34.03
C ASP A 203 5.11 -7.74 -33.66
N THR A 204 4.83 -9.02 -33.35
CA THR A 204 3.48 -9.43 -33.01
C THR A 204 3.42 -10.39 -31.83
N GLU A 205 4.49 -10.55 -31.07
CA GLU A 205 4.55 -11.54 -30.00
C GLU A 205 4.78 -10.91 -28.62
N ASN A 206 4.46 -9.62 -28.46
CA ASN A 206 4.71 -8.95 -27.19
C ASN A 206 3.74 -9.39 -26.10
N ALA A 207 2.60 -9.98 -26.47
CA ALA A 207 1.60 -10.40 -25.49
C ALA A 207 2.11 -11.56 -24.64
N ARG A 208 2.75 -12.55 -25.28
CA ARG A 208 3.30 -13.67 -24.52
C ARG A 208 4.47 -13.23 -23.63
N ARG A 209 5.26 -12.27 -24.12
CA ARG A 209 6.39 -11.77 -23.34
C ARG A 209 5.93 -10.98 -22.12
N ILE A 210 4.90 -10.14 -22.28
CA ILE A 210 4.39 -9.41 -21.12
C ILE A 210 3.62 -10.36 -20.18
N PHE A 211 3.03 -11.43 -20.72
CA PHE A 211 2.41 -12.47 -19.89
C PHE A 211 3.46 -13.17 -19.02
N ASN A 212 4.60 -13.53 -19.62
CA ASN A 212 5.66 -14.19 -18.87
C ASN A 212 6.29 -13.25 -17.84
N ASP A 213 6.45 -11.98 -18.19
CA ASP A 213 6.98 -11.00 -17.24
C ASP A 213 6.06 -10.80 -16.05
N CYS A 214 4.74 -10.68 -16.30
CA CYS A 214 3.78 -10.53 -15.21
C CYS A 214 3.70 -11.79 -14.37
N LYS A 215 3.82 -12.97 -15.00
CA LYS A 215 3.84 -14.23 -14.28
C LYS A 215 5.05 -14.32 -13.35
N ASP A 216 6.22 -13.89 -13.83
CA ASP A 216 7.41 -13.88 -12.98
C ASP A 216 7.29 -12.88 -11.83
N ILE A 217 6.73 -11.69 -12.09
CA ILE A 217 6.59 -10.67 -11.06
C ILE A 217 5.65 -11.15 -9.95
N ILE A 218 4.50 -11.70 -10.34
CA ILE A 218 3.54 -12.16 -9.34
C ILE A 218 4.02 -13.45 -8.68
N LEU A 219 4.86 -14.24 -9.36
CA LEU A 219 5.47 -15.41 -8.74
C LEU A 219 6.44 -15.01 -7.62
N GLN A 220 7.29 -14.00 -7.87
CA GLN A 220 8.18 -13.53 -6.81
C GLN A 220 7.41 -12.87 -5.67
N MET A 221 6.32 -12.17 -6.00
CA MET A 221 5.48 -11.58 -4.95
C MET A 221 4.81 -12.66 -4.11
N ASN A 222 4.37 -13.76 -4.74
CA ASN A 222 3.76 -14.86 -4.01
C ASN A 222 4.77 -15.60 -3.15
N LEU A 223 6.01 -15.75 -3.66
CA LEU A 223 7.06 -16.37 -2.86
C LEU A 223 7.42 -15.51 -1.65
N ARG A 224 7.33 -14.19 -1.78
CA ARG A 224 7.50 -13.33 -0.61
C ARG A 224 6.31 -13.43 0.34
N GLU A 225 5.10 -13.58 -0.19
CA GLU A 225 3.90 -13.58 0.66
C GLU A 225 3.66 -14.90 1.38
N TYR A 226 4.31 -15.98 0.98
CA TYR A 226 4.04 -17.31 1.50
C TYR A 226 5.16 -17.86 2.37
N ASN A 227 6.01 -16.97 2.92
CA ASN A 227 7.03 -17.29 3.91
C ASN A 227 8.04 -18.31 3.40
N LEU A 228 8.35 -18.26 2.10
CA LEU A 228 9.29 -19.21 1.51
C LEU A 228 10.65 -18.61 1.25
N VAL A 229 10.71 -17.32 0.93
CA VAL A 229 11.99 -16.66 0.67
C VAL A 229 12.22 -15.58 1.72
N ASN B 34 1.57 -58.13 37.65
CA ASN B 34 1.09 -57.36 36.51
C ASN B 34 2.16 -57.25 35.43
N GLN B 35 1.74 -57.41 34.18
CA GLN B 35 2.62 -57.22 33.04
C GLN B 35 2.74 -55.71 32.74
N PHE B 36 3.74 -55.37 31.92
CA PHE B 36 4.05 -54.00 31.48
C PHE B 36 4.39 -53.08 32.66
N VAL B 37 4.99 -53.64 33.71
CA VAL B 37 5.55 -52.84 34.80
C VAL B 37 7.03 -52.70 34.48
N GLN B 38 7.36 -51.64 33.76
CA GLN B 38 8.72 -51.42 33.26
C GLN B 38 9.65 -51.01 34.39
N PRO B 39 10.95 -51.33 34.27
CA PRO B 39 11.93 -50.85 35.24
C PRO B 39 12.11 -49.34 35.15
N ALA B 40 12.70 -48.77 36.21
CA ALA B 40 12.71 -47.33 36.42
C ALA B 40 13.55 -46.59 35.39
N TRP B 41 14.70 -47.15 34.98
CA TRP B 41 15.63 -46.43 34.12
C TRP B 41 15.06 -46.24 32.71
N GLN B 42 14.34 -47.24 32.19
CA GLN B 42 13.71 -47.11 30.89
C GLN B 42 12.59 -46.06 30.94
N ILE B 43 11.84 -46.02 32.04
CA ILE B 43 10.79 -45.01 32.20
C ILE B 43 11.40 -43.61 32.28
N VAL B 44 12.56 -43.48 32.93
CA VAL B 44 13.26 -42.19 32.96
C VAL B 44 13.73 -41.78 31.57
N LEU B 45 14.24 -42.73 30.78
CA LEU B 45 14.72 -42.41 29.43
C LEU B 45 13.57 -41.98 28.50
N TRP B 46 12.47 -42.74 28.50
CA TRP B 46 11.30 -42.35 27.71
C TRP B 46 10.69 -41.04 28.22
N ALA B 47 10.70 -40.82 29.53
CA ALA B 47 10.16 -39.57 30.09
C ALA B 47 10.99 -38.37 29.67
N ALA B 48 12.31 -38.52 29.63
CA ALA B 48 13.18 -37.44 29.18
C ALA B 48 12.95 -37.12 27.70
N ALA B 49 12.88 -38.16 26.86
CA ALA B 49 12.66 -37.94 25.42
C ALA B 49 11.29 -37.32 25.14
N TYR B 50 10.25 -37.82 25.81
CA TYR B 50 8.90 -37.31 25.58
C TYR B 50 8.72 -35.90 26.15
N THR B 51 9.37 -35.61 27.29
CA THR B 51 9.32 -34.26 27.84
C THR B 51 9.99 -33.25 26.91
N VAL B 52 11.15 -33.62 26.34
CA VAL B 52 11.85 -32.75 25.40
C VAL B 52 10.99 -32.47 24.16
N ILE B 53 10.37 -33.52 23.60
CA ILE B 53 9.61 -33.34 22.38
C ILE B 53 8.33 -32.53 22.61
N VAL B 54 7.65 -32.72 23.75
CA VAL B 54 6.42 -31.95 23.99
C VAL B 54 6.74 -30.50 24.32
N VAL B 55 7.85 -30.24 25.03
CA VAL B 55 8.21 -28.86 25.35
C VAL B 55 8.57 -28.08 24.09
N THR B 56 9.43 -28.66 23.23
CA THR B 56 9.80 -27.93 22.02
C THR B 56 8.63 -27.80 21.04
N SER B 57 7.71 -28.78 21.00
CA SER B 57 6.58 -28.69 20.08
C SER B 57 5.59 -27.62 20.51
N VAL B 58 5.21 -27.61 21.80
CA VAL B 58 4.21 -26.64 22.22
C VAL B 58 4.79 -25.23 22.26
N VAL B 59 6.09 -25.09 22.56
CA VAL B 59 6.71 -23.77 22.54
C VAL B 59 6.75 -23.21 21.12
N GLY B 60 7.17 -24.04 20.15
CA GLY B 60 7.20 -23.61 18.76
C GLY B 60 5.81 -23.27 18.21
N ASN B 61 4.81 -24.08 18.55
CA ASN B 61 3.48 -23.86 18.00
C ASN B 61 2.80 -22.62 18.60
N VAL B 62 2.94 -22.39 19.92
CA VAL B 62 2.30 -21.19 20.46
C VAL B 62 3.08 -19.94 20.08
N VAL B 63 4.38 -20.05 19.79
CA VAL B 63 5.08 -18.88 19.27
C VAL B 63 4.62 -18.57 17.85
N VAL B 64 4.37 -19.61 17.03
CA VAL B 64 3.81 -19.39 15.68
C VAL B 64 2.42 -18.74 15.76
N MET B 65 1.60 -19.16 16.74
CA MET B 65 0.36 -18.44 17.07
C MET B 65 0.57 -16.97 17.34
N TRP B 66 1.51 -16.65 18.24
CA TRP B 66 1.70 -15.27 18.65
C TRP B 66 2.20 -14.40 17.50
N ILE B 67 3.09 -14.94 16.67
CA ILE B 67 3.64 -14.17 15.55
C ILE B 67 2.58 -13.94 14.47
N ILE B 68 1.79 -14.95 14.12
CA ILE B 68 0.83 -14.74 13.04
C ILE B 68 -0.36 -13.90 13.52
N LEU B 69 -0.91 -14.23 14.69
CA LEU B 69 -2.14 -13.59 15.13
C LEU B 69 -1.93 -12.33 15.96
N ALA B 70 -0.70 -11.97 16.32
CA ALA B 70 -0.50 -10.82 17.19
C ALA B 70 0.10 -9.61 16.49
N HIS B 71 0.94 -9.81 15.48
CA HIS B 71 1.64 -8.69 14.86
C HIS B 71 0.76 -7.86 13.94
N LYS B 72 -0.34 -8.43 13.44
CA LYS B 72 -1.40 -7.80 12.64
C LYS B 72 -0.95 -7.32 11.26
N ARG B 73 0.33 -7.42 10.92
CA ARG B 73 0.79 -7.23 9.56
C ARG B 73 1.02 -8.55 8.84
N MET B 74 1.30 -9.61 9.61
CA MET B 74 1.34 -10.97 9.08
C MET B 74 -0.03 -11.63 9.09
N ARG B 75 -1.03 -10.98 9.67
CA ARG B 75 -2.40 -11.50 9.70
C ARG B 75 -3.01 -11.33 8.31
N THR B 76 -3.05 -12.42 7.56
CA THR B 76 -3.50 -12.40 6.17
C THR B 76 -4.38 -13.63 5.97
N VAL B 77 -5.23 -13.59 4.95
CA VAL B 77 -6.01 -14.76 4.51
C VAL B 77 -5.09 -15.90 4.13
N THR B 78 -3.89 -15.59 3.63
CA THR B 78 -2.90 -16.58 3.25
C THR B 78 -2.36 -17.41 4.40
N ASN B 79 -2.45 -16.92 5.64
CA ASN B 79 -1.87 -17.61 6.78
C ASN B 79 -2.90 -18.28 7.69
N TYR B 80 -4.17 -18.28 7.28
CA TYR B 80 -5.21 -18.93 8.08
C TYR B 80 -5.00 -20.45 8.15
N PHE B 81 -4.54 -21.03 7.05
CA PHE B 81 -4.18 -22.45 7.04
C PHE B 81 -2.99 -22.71 7.97
N LEU B 82 -2.07 -21.76 8.07
CA LEU B 82 -0.94 -21.90 8.99
C LEU B 82 -1.40 -21.86 10.44
N VAL B 83 -2.36 -20.98 10.76
CA VAL B 83 -2.91 -20.95 12.12
C VAL B 83 -3.64 -22.25 12.45
N ASN B 84 -4.42 -22.77 11.50
CA ASN B 84 -5.15 -24.02 11.71
C ASN B 84 -4.18 -25.20 11.90
N LEU B 85 -3.11 -25.24 11.09
CA LEU B 85 -2.10 -26.28 11.23
C LEU B 85 -1.37 -26.19 12.56
N ALA B 86 -1.03 -24.96 12.99
CA ALA B 86 -0.36 -24.78 14.28
C ALA B 86 -1.25 -25.19 15.45
N PHE B 87 -2.54 -24.88 15.36
CA PHE B 87 -3.49 -25.28 16.40
C PHE B 87 -3.62 -26.80 16.48
N ALA B 88 -3.74 -27.45 15.31
CA ALA B 88 -3.87 -28.90 15.30
C ALA B 88 -2.60 -29.59 15.77
N GLU B 89 -1.42 -29.04 15.43
CA GLU B 89 -0.17 -29.63 15.89
C GLU B 89 0.03 -29.45 17.39
N ALA B 90 -0.34 -28.29 17.93
CA ALA B 90 -0.23 -28.07 19.38
C ALA B 90 -1.18 -28.98 20.14
N SER B 91 -2.42 -29.13 19.64
CA SER B 91 -3.39 -30.01 20.27
C SER B 91 -2.94 -31.47 20.22
N MET B 92 -2.45 -31.90 19.05
CA MET B 92 -1.77 -33.17 18.86
C MET B 92 -0.73 -33.43 19.94
N ALA B 93 0.28 -32.57 19.99
CA ALA B 93 1.45 -32.73 20.87
C ALA B 93 1.01 -32.83 22.32
N ALA B 94 0.41 -31.77 22.85
CA ALA B 94 -0.01 -31.70 24.25
C ALA B 94 -0.96 -32.84 24.64
N PHE B 95 -2.17 -32.85 24.06
CA PHE B 95 -3.19 -33.78 24.53
C PHE B 95 -2.83 -35.22 24.19
N ASN B 96 -2.59 -35.50 22.89
CA ASN B 96 -2.40 -36.86 22.44
C ASN B 96 -1.12 -37.46 23.03
N THR B 97 0.00 -36.71 22.99
CA THR B 97 1.26 -37.28 23.41
C THR B 97 1.32 -37.46 24.92
N VAL B 98 0.83 -36.47 25.69
CA VAL B 98 0.90 -36.57 27.15
C VAL B 98 -0.02 -37.69 27.66
N VAL B 99 -1.26 -37.75 27.18
CA VAL B 99 -2.16 -38.78 27.69
C VAL B 99 -1.76 -40.18 27.21
N ASN B 100 -1.30 -40.33 25.95
CA ASN B 100 -0.83 -41.65 25.50
C ASN B 100 0.42 -42.11 26.24
N PHE B 101 1.35 -41.20 26.54
CA PHE B 101 2.56 -41.60 27.24
C PHE B 101 2.26 -41.98 28.69
N THR B 102 1.46 -41.18 29.38
CA THR B 102 1.13 -41.48 30.77
C THR B 102 0.22 -42.70 30.88
N TYR B 103 -0.53 -43.01 29.84
CA TYR B 103 -1.24 -44.28 29.79
C TYR B 103 -0.28 -45.44 29.58
N ALA B 104 0.62 -45.32 28.61
CA ALA B 104 1.37 -46.47 28.13
C ALA B 104 2.63 -46.77 28.93
N VAL B 105 2.97 -45.97 29.95
CA VAL B 105 4.13 -46.29 30.77
C VAL B 105 3.90 -47.58 31.56
N HIS B 106 2.76 -47.69 32.26
CA HIS B 106 2.40 -48.93 32.94
C HIS B 106 1.12 -49.59 32.45
N ASN B 107 0.50 -49.09 31.37
CA ASN B 107 -0.80 -49.56 30.87
C ASN B 107 -1.90 -49.48 31.93
N GLU B 108 -1.94 -48.37 32.66
CA GLU B 108 -2.98 -48.15 33.67
C GLU B 108 -3.56 -46.76 33.47
N TRP B 109 -4.88 -46.70 33.25
CA TRP B 109 -5.56 -45.44 33.00
C TRP B 109 -5.94 -44.75 34.30
N TYR B 110 -5.70 -43.43 34.34
CA TYR B 110 -5.84 -42.66 35.57
C TYR B 110 -6.95 -41.61 35.52
N TYR B 111 -7.72 -41.54 34.43
CA TYR B 111 -8.58 -40.38 34.21
C TYR B 111 -10.07 -40.69 34.12
N GLY B 112 -10.48 -41.94 34.15
CA GLY B 112 -11.89 -42.27 34.16
C GLY B 112 -12.49 -42.37 32.77
N LEU B 113 -13.76 -42.80 32.73
CA LEU B 113 -14.39 -43.16 31.47
C LEU B 113 -14.77 -41.95 30.63
N PHE B 114 -15.10 -40.82 31.27
CA PHE B 114 -15.44 -39.62 30.52
C PHE B 114 -14.23 -39.07 29.77
N TYR B 115 -13.08 -39.01 30.44
CA TYR B 115 -11.85 -38.62 29.75
C TYR B 115 -11.36 -39.70 28.80
N CYS B 116 -11.74 -40.96 29.03
CA CYS B 116 -11.48 -42.02 28.05
C CYS B 116 -12.23 -41.74 26.74
N LYS B 117 -13.50 -41.35 26.85
CA LYS B 117 -14.28 -40.94 25.68
C LYS B 117 -13.68 -39.69 25.04
N PHE B 118 -13.25 -38.73 25.86
CA PHE B 118 -12.69 -37.48 25.36
C PHE B 118 -11.38 -37.70 24.60
N HIS B 119 -10.51 -38.58 25.10
CA HIS B 119 -9.26 -38.87 24.41
C HIS B 119 -9.51 -39.73 23.17
N ASN B 120 -10.51 -40.61 23.21
CA ASN B 120 -10.82 -41.35 22.00
C ASN B 120 -11.51 -40.50 20.95
N PHE B 121 -12.07 -39.34 21.33
CA PHE B 121 -12.72 -38.47 20.36
C PHE B 121 -11.81 -37.36 19.83
N PHE B 122 -11.33 -36.47 20.70
CA PHE B 122 -10.81 -35.19 20.21
C PHE B 122 -9.37 -35.19 19.66
N PRO B 123 -8.35 -35.78 20.32
CA PRO B 123 -6.99 -35.70 19.73
C PRO B 123 -6.81 -36.48 18.44
N ILE B 124 -7.60 -37.53 18.20
CA ILE B 124 -7.56 -38.20 16.90
C ILE B 124 -8.06 -37.27 15.82
N ALA B 125 -9.10 -36.49 16.12
CA ALA B 125 -9.55 -35.45 15.20
C ALA B 125 -8.51 -34.35 15.03
N ALA B 126 -7.74 -34.06 16.09
CA ALA B 126 -6.64 -33.09 15.95
C ALA B 126 -5.57 -33.61 14.99
N VAL B 127 -5.26 -34.90 15.07
CA VAL B 127 -4.30 -35.53 14.15
C VAL B 127 -4.80 -35.46 12.71
N PHE B 128 -6.08 -35.81 12.53
CA PHE B 128 -6.67 -35.86 11.19
C PHE B 128 -6.74 -34.46 10.57
N ALA B 129 -7.11 -33.46 11.38
CA ALA B 129 -7.16 -32.08 10.93
C ALA B 129 -5.78 -31.52 10.65
N SER B 130 -4.76 -31.97 11.39
CA SER B 130 -3.39 -31.54 11.10
C SER B 130 -2.92 -32.03 9.74
N ILE B 131 -3.18 -33.30 9.43
CA ILE B 131 -2.76 -33.84 8.15
C ILE B 131 -3.56 -33.20 7.01
N TYR B 132 -4.85 -32.95 7.23
CA TYR B 132 -5.64 -32.27 6.20
C TYR B 132 -5.25 -30.80 6.04
N SER B 133 -4.77 -30.16 7.12
CA SER B 133 -4.30 -28.78 6.98
C SER B 133 -2.96 -28.71 6.27
N MET B 134 -2.10 -29.74 6.44
CA MET B 134 -0.90 -29.83 5.61
C MET B 134 -1.26 -30.02 4.14
N THR B 135 -2.31 -30.81 3.87
CA THR B 135 -2.79 -30.97 2.50
C THR B 135 -3.30 -29.65 1.92
N ALA B 136 -4.01 -28.87 2.74
CA ALA B 136 -4.52 -27.57 2.29
C ALA B 136 -3.40 -26.57 2.04
N VAL B 137 -2.37 -26.56 2.91
CA VAL B 137 -1.20 -25.70 2.72
C VAL B 137 -0.47 -26.06 1.43
N ALA B 138 -0.30 -27.37 1.18
CA ALA B 138 0.34 -27.82 -0.06
C ALA B 138 -0.48 -27.46 -1.29
N PHE B 139 -1.80 -27.55 -1.20
CA PHE B 139 -2.66 -27.16 -2.31
C PHE B 139 -2.56 -25.67 -2.60
N ASP B 140 -2.52 -24.84 -1.55
CA ASP B 140 -2.37 -23.40 -1.74
C ASP B 140 -1.03 -23.06 -2.36
N ARG B 141 0.05 -23.70 -1.91
CA ARG B 141 1.37 -23.42 -2.46
C ARG B 141 1.48 -23.90 -3.91
N TYR B 142 0.87 -25.05 -4.24
CA TYR B 142 0.91 -25.54 -5.62
C TYR B 142 0.13 -24.62 -6.55
N MET B 143 -1.11 -24.28 -6.18
CA MET B 143 -1.94 -23.43 -7.03
C MET B 143 -1.43 -22.00 -7.10
N ALA B 144 -0.57 -21.60 -6.16
CA ALA B 144 0.02 -20.27 -6.24
C ALA B 144 1.29 -20.25 -7.07
N ILE B 145 2.20 -21.19 -6.84
CA ILE B 145 3.47 -21.18 -7.56
C ILE B 145 3.28 -21.57 -9.02
N ILE B 146 2.44 -22.56 -9.29
CA ILE B 146 2.19 -22.96 -10.67
C ILE B 146 1.34 -21.92 -11.40
N HIS B 147 0.30 -21.40 -10.74
CA HIS B 147 -0.63 -20.46 -11.35
C HIS B 147 -0.66 -19.18 -10.53
N PRO B 148 0.32 -18.28 -10.74
CA PRO B 148 0.34 -17.04 -9.94
C PRO B 148 -0.67 -16.00 -10.41
N LEU B 149 -1.05 -16.04 -11.68
CA LEU B 149 -1.99 -15.05 -12.20
C LEU B 149 -3.42 -15.34 -11.78
N GLN B 150 -3.74 -16.56 -11.38
CA GLN B 150 -5.06 -16.85 -10.84
C GLN B 150 -5.17 -16.25 -9.44
N PRO B 151 -6.33 -15.70 -9.07
CA PRO B 151 -6.44 -15.03 -7.78
C PRO B 151 -6.49 -16.01 -6.61
N ARG B 152 -5.99 -15.54 -5.47
CA ARG B 152 -6.02 -16.31 -4.24
C ARG B 152 -7.46 -16.42 -3.71
N LEU B 153 -7.73 -17.49 -2.98
CA LEU B 153 -9.07 -17.74 -2.47
C LEU B 153 -9.44 -16.72 -1.39
N SER B 154 -10.73 -16.40 -1.33
CA SER B 154 -11.22 -15.38 -0.42
C SER B 154 -11.23 -15.92 1.02
N ALA B 155 -11.53 -15.02 1.96
CA ALA B 155 -11.60 -15.42 3.36
C ALA B 155 -12.80 -16.32 3.63
N THR B 156 -13.87 -16.17 2.85
CA THR B 156 -15.05 -17.02 2.99
C THR B 156 -14.73 -18.46 2.60
N ALA B 157 -14.08 -18.66 1.44
CA ALA B 157 -13.72 -20.00 1.01
C ALA B 157 -12.65 -20.61 1.91
N THR B 158 -11.75 -19.79 2.44
CA THR B 158 -10.76 -20.27 3.41
C THR B 158 -11.41 -20.76 4.69
N LYS B 159 -12.39 -19.99 5.20
CA LYS B 159 -13.11 -20.40 6.41
C LYS B 159 -13.94 -21.64 6.17
N VAL B 160 -14.54 -21.77 4.98
CA VAL B 160 -15.31 -22.97 4.63
C VAL B 160 -14.40 -24.19 4.55
N VAL B 161 -13.20 -24.04 3.98
CA VAL B 161 -12.25 -25.15 3.89
C VAL B 161 -11.77 -25.58 5.27
N ILE B 162 -11.48 -24.61 6.15
CA ILE B 162 -11.07 -24.93 7.53
C ILE B 162 -12.20 -25.63 8.28
N CYS B 163 -13.43 -25.16 8.10
CA CYS B 163 -14.58 -25.79 8.75
C CYS B 163 -14.82 -27.19 8.24
N VAL B 164 -14.68 -27.42 6.93
CA VAL B 164 -14.86 -28.75 6.36
C VAL B 164 -13.77 -29.70 6.87
N ILE B 165 -12.54 -29.18 7.03
CA ILE B 165 -11.44 -29.96 7.59
C ILE B 165 -11.76 -30.41 9.01
N TRP B 166 -12.25 -29.48 9.85
CA TRP B 166 -12.50 -29.84 11.24
C TRP B 166 -13.73 -30.74 11.40
N VAL B 167 -14.78 -30.51 10.59
CA VAL B 167 -15.96 -31.37 10.65
C VAL B 167 -15.65 -32.79 10.18
N LEU B 168 -14.89 -32.93 9.08
CA LEU B 168 -14.51 -34.26 8.63
C LEU B 168 -13.54 -34.94 9.60
N ALA B 169 -12.68 -34.16 10.28
CA ALA B 169 -11.79 -34.74 11.28
C ALA B 169 -12.56 -35.28 12.47
N LEU B 170 -13.51 -34.50 13.00
CA LEU B 170 -14.33 -34.99 14.11
C LEU B 170 -15.25 -36.12 13.68
N LEU B 171 -15.71 -36.10 12.43
CA LEU B 171 -16.59 -37.17 11.94
C LEU B 171 -15.84 -38.48 11.78
N LEU B 172 -14.58 -38.44 11.34
CA LEU B 172 -13.79 -39.65 11.27
C LEU B 172 -13.27 -40.11 12.63
N ALA B 173 -13.09 -39.20 13.59
CA ALA B 173 -12.68 -39.62 14.92
C ALA B 173 -13.85 -39.98 15.84
N PHE B 174 -15.09 -39.73 15.41
CA PHE B 174 -16.26 -40.10 16.19
C PHE B 174 -16.45 -41.60 16.47
N PRO B 175 -16.24 -42.56 15.54
CA PRO B 175 -16.45 -43.97 15.91
C PRO B 175 -15.54 -44.49 17.02
N GLN B 176 -14.33 -43.95 17.17
CA GLN B 176 -13.50 -44.36 18.29
C GLN B 176 -13.97 -43.72 19.59
N GLY B 177 -14.44 -42.47 19.52
CA GLY B 177 -14.92 -41.81 20.73
C GLY B 177 -16.21 -42.40 21.25
N TYR B 178 -17.13 -42.76 20.35
CA TYR B 178 -18.43 -43.27 20.75
C TYR B 178 -18.37 -44.71 21.26
N TYR B 179 -17.43 -45.51 20.77
CA TYR B 179 -17.31 -46.91 21.15
C TYR B 179 -16.26 -47.15 22.23
N SER B 180 -15.78 -46.09 22.88
CA SER B 180 -14.80 -46.23 23.94
C SER B 180 -15.45 -46.80 25.21
N THR B 181 -14.66 -47.53 25.99
CA THR B 181 -15.13 -48.17 27.20
C THR B 181 -13.97 -48.33 28.16
N THR B 182 -14.20 -47.95 29.41
CA THR B 182 -13.26 -48.18 30.49
C THR B 182 -13.66 -49.46 31.21
N GLU B 183 -12.75 -50.43 31.25
CA GLU B 183 -13.00 -51.73 31.84
C GLU B 183 -12.03 -51.97 33.00
N THR B 184 -12.47 -52.81 33.94
CA THR B 184 -11.71 -53.11 35.15
C THR B 184 -11.26 -54.57 35.10
N MET B 185 -9.94 -54.77 35.21
CA MET B 185 -9.28 -56.05 35.32
C MET B 185 -8.56 -56.08 36.66
N PRO B 186 -8.19 -57.27 37.17
CA PRO B 186 -7.43 -57.33 38.43
C PRO B 186 -6.14 -56.55 38.40
N SER B 187 -6.11 -55.49 39.23
CA SER B 187 -5.04 -54.49 39.29
C SER B 187 -4.78 -53.82 37.94
N ARG B 188 -5.86 -53.52 37.20
CA ARG B 188 -5.70 -52.87 35.91
C ARG B 188 -6.99 -52.14 35.53
N VAL B 189 -6.85 -50.94 34.97
CA VAL B 189 -7.97 -50.18 34.42
C VAL B 189 -7.61 -49.80 33.00
N VAL B 190 -8.45 -50.19 32.04
CA VAL B 190 -8.11 -50.05 30.63
C VAL B 190 -9.14 -49.19 29.90
N CYS B 191 -8.65 -48.30 29.05
CA CYS B 191 -9.45 -47.54 28.09
C CYS B 191 -9.29 -48.24 26.74
N MET B 192 -10.34 -48.89 26.26
CA MET B 192 -10.27 -49.62 25.01
C MET B 192 -11.49 -49.33 24.17
N ILE B 193 -11.33 -49.44 22.86
CA ILE B 193 -12.46 -49.34 21.95
C ILE B 193 -13.16 -50.68 21.88
N GLU B 194 -14.46 -50.68 22.17
CA GLU B 194 -15.25 -51.90 22.29
C GLU B 194 -16.28 -51.91 21.17
N TRP B 195 -15.88 -52.40 20.01
CA TRP B 195 -16.80 -52.54 18.89
C TRP B 195 -17.76 -53.70 19.15
N PRO B 196 -18.93 -53.70 18.51
CA PRO B 196 -19.77 -54.90 18.52
C PRO B 196 -19.05 -56.09 17.90
N GLU B 197 -19.22 -57.25 18.52
CA GLU B 197 -18.45 -58.43 18.17
C GLU B 197 -18.90 -58.99 16.83
N HIS B 198 -17.94 -59.41 16.02
CA HIS B 198 -18.19 -60.04 14.73
C HIS B 198 -17.41 -61.34 14.67
N PRO B 199 -17.93 -62.34 13.96
CA PRO B 199 -17.19 -63.61 13.82
C PRO B 199 -15.91 -63.50 13.01
N ASN B 200 -15.75 -62.46 12.20
CA ASN B 200 -14.55 -62.26 11.41
C ASN B 200 -13.81 -60.97 11.72
N LYS B 201 -14.24 -60.24 12.77
CA LYS B 201 -13.67 -58.95 13.18
C LYS B 201 -13.68 -57.93 12.04
N ILE B 202 -14.87 -57.65 11.52
CA ILE B 202 -14.98 -56.89 10.29
C ILE B 202 -14.97 -55.39 10.56
N TYR B 203 -15.63 -54.96 11.64
CA TYR B 203 -15.93 -53.53 11.83
C TYR B 203 -14.68 -52.71 12.10
N GLU B 204 -13.85 -53.13 13.05
CA GLU B 204 -12.65 -52.37 13.36
C GLU B 204 -11.59 -52.51 12.27
N LYS B 205 -11.57 -53.65 11.55
CA LYS B 205 -10.66 -53.81 10.43
C LYS B 205 -10.99 -52.88 9.28
N VAL B 206 -12.29 -52.77 8.93
CA VAL B 206 -12.71 -51.86 7.88
C VAL B 206 -12.52 -50.41 8.31
N TYR B 207 -12.74 -50.11 9.59
CA TYR B 207 -12.50 -48.75 10.09
C TYR B 207 -11.03 -48.37 10.02
N HIS B 208 -10.14 -49.29 10.42
CA HIS B 208 -8.71 -48.95 10.40
C HIS B 208 -8.16 -48.92 8.98
N ILE B 209 -8.72 -49.73 8.07
CA ILE B 209 -8.33 -49.64 6.66
C ILE B 209 -8.79 -48.30 6.06
N CYS B 210 -9.99 -47.84 6.41
CA CYS B 210 -10.48 -46.55 5.95
C CYS B 210 -9.66 -45.40 6.53
N VAL B 211 -9.27 -45.50 7.80
CA VAL B 211 -8.41 -44.49 8.42
C VAL B 211 -7.04 -44.46 7.73
N THR B 212 -6.50 -45.63 7.40
CA THR B 212 -5.21 -45.70 6.72
C THR B 212 -5.28 -45.08 5.33
N VAL B 213 -6.31 -45.41 4.55
CA VAL B 213 -6.37 -44.92 3.18
C VAL B 213 -6.75 -43.43 3.14
N LEU B 214 -7.42 -42.93 4.17
CA LEU B 214 -7.76 -41.50 4.19
C LEU B 214 -6.76 -40.63 4.93
N ILE B 215 -5.80 -41.22 5.65
CA ILE B 215 -4.89 -40.47 6.51
C ILE B 215 -3.43 -40.62 6.08
N TYR B 216 -3.01 -41.80 5.63
CA TYR B 216 -1.65 -41.95 5.17
C TYR B 216 -1.49 -41.93 3.65
N PHE B 217 -2.38 -42.57 2.90
CA PHE B 217 -2.11 -42.76 1.47
C PHE B 217 -2.40 -41.51 0.66
N LEU B 218 -3.68 -41.08 0.63
CA LEU B 218 -4.13 -39.99 -0.24
C LEU B 218 -3.51 -38.62 0.04
N PRO B 219 -3.38 -38.14 1.30
CA PRO B 219 -2.64 -36.89 1.48
C PRO B 219 -1.17 -36.97 1.12
N LEU B 220 -0.53 -38.13 1.29
CA LEU B 220 0.86 -38.28 0.85
C LEU B 220 0.98 -38.20 -0.66
N LEU B 221 0.04 -38.82 -1.37
CA LEU B 221 0.04 -38.75 -2.84
C LEU B 221 -0.23 -37.33 -3.32
N VAL B 222 -1.16 -36.62 -2.66
CA VAL B 222 -1.47 -35.24 -3.04
C VAL B 222 -0.28 -34.33 -2.78
N ILE B 223 0.33 -34.42 -1.60
CA ILE B 223 1.47 -33.56 -1.27
C ILE B 223 2.70 -33.94 -2.09
N GLY B 224 2.84 -35.22 -2.47
CA GLY B 224 3.94 -35.62 -3.31
C GLY B 224 3.82 -35.11 -4.72
N TYR B 225 2.61 -35.19 -5.30
CA TYR B 225 2.38 -34.66 -6.64
C TYR B 225 2.55 -33.15 -6.68
N ALA B 226 1.99 -32.45 -5.68
CA ALA B 226 2.08 -31.00 -5.64
C ALA B 226 3.52 -30.53 -5.45
N TYR B 227 4.25 -31.14 -4.52
CA TYR B 227 5.62 -30.70 -4.27
C TYR B 227 6.57 -31.16 -5.36
N THR B 228 6.27 -32.27 -6.05
CA THR B 228 7.07 -32.70 -7.18
C THR B 228 6.92 -31.73 -8.35
N VAL B 229 5.68 -31.33 -8.67
CA VAL B 229 5.45 -30.38 -9.75
C VAL B 229 6.05 -29.02 -9.42
N VAL B 230 5.89 -28.56 -8.17
CA VAL B 230 6.43 -27.27 -7.75
C VAL B 230 7.95 -27.30 -7.75
N GLY B 231 8.57 -28.39 -7.28
CA GLY B 231 10.02 -28.47 -7.28
C GLY B 231 10.62 -28.58 -8.66
N ILE B 232 9.96 -29.31 -9.57
CA ILE B 232 10.40 -29.40 -10.96
C ILE B 232 10.31 -28.03 -11.64
N THR B 233 9.22 -27.30 -11.40
CA THR B 233 9.07 -25.99 -12.01
C THR B 233 10.01 -24.94 -11.41
N LEU B 234 10.31 -25.03 -10.12
CA LEU B 234 11.07 -24.00 -9.42
C LEU B 234 12.54 -24.33 -9.25
N TRP B 235 12.99 -25.51 -9.65
CA TRP B 235 14.41 -25.85 -9.52
C TRP B 235 15.21 -25.24 -10.67
N GLU B 249 22.54 -14.91 -5.06
CA GLU B 249 21.45 -14.64 -5.97
C GLU B 249 20.15 -15.22 -5.38
N GLN B 250 19.02 -14.94 -6.02
CA GLN B 250 17.73 -15.42 -5.56
C GLN B 250 17.44 -16.85 -5.98
N VAL B 251 18.29 -17.46 -6.80
CA VAL B 251 18.06 -18.84 -7.22
C VAL B 251 18.32 -19.81 -6.06
N SER B 252 19.25 -19.45 -5.17
CA SER B 252 19.59 -20.30 -4.03
C SER B 252 18.45 -20.44 -3.04
N ALA B 253 17.61 -19.40 -2.92
CA ALA B 253 16.38 -19.50 -2.14
C ALA B 253 15.42 -20.53 -2.75
N LYS B 254 15.35 -20.58 -4.09
CA LYS B 254 14.50 -21.56 -4.75
C LYS B 254 15.02 -22.98 -4.55
N ARG B 255 16.34 -23.17 -4.63
CA ARG B 255 16.90 -24.50 -4.33
C ARG B 255 16.67 -24.89 -2.88
N LYS B 256 16.75 -23.92 -1.95
CA LYS B 256 16.47 -24.18 -0.55
C LYS B 256 15.01 -24.60 -0.35
N VAL B 257 14.09 -23.94 -1.06
CA VAL B 257 12.66 -24.26 -0.94
C VAL B 257 12.37 -25.66 -1.50
N VAL B 258 12.98 -26.01 -2.63
CA VAL B 258 12.78 -27.34 -3.22
C VAL B 258 13.37 -28.43 -2.33
N LYS B 259 14.57 -28.18 -1.77
CA LYS B 259 15.20 -29.13 -0.87
C LYS B 259 14.37 -29.31 0.40
N MET B 260 13.80 -28.22 0.91
CA MET B 260 13.01 -28.32 2.14
C MET B 260 11.70 -29.05 1.92
N MET B 261 11.05 -28.87 0.76
CA MET B 261 9.84 -29.67 0.54
C MET B 261 10.16 -31.14 0.26
N ILE B 262 11.34 -31.43 -0.29
CA ILE B 262 11.80 -32.82 -0.38
C ILE B 262 11.94 -33.42 1.02
N VAL B 263 12.51 -32.64 1.94
CA VAL B 263 12.62 -33.06 3.34
C VAL B 263 11.24 -33.28 3.96
N VAL B 264 10.27 -32.41 3.65
CA VAL B 264 8.91 -32.53 4.19
C VAL B 264 8.25 -33.83 3.74
N VAL B 265 8.32 -34.12 2.43
CA VAL B 265 7.68 -35.33 1.90
C VAL B 265 8.34 -36.58 2.45
N CYS B 266 9.67 -36.60 2.49
CA CYS B 266 10.40 -37.77 2.99
C CYS B 266 10.15 -38.01 4.48
N THR B 267 10.17 -36.95 5.29
CA THR B 267 9.96 -37.15 6.72
C THR B 267 8.50 -37.42 7.06
N PHE B 268 7.54 -36.98 6.22
CA PHE B 268 6.15 -37.37 6.43
C PHE B 268 5.97 -38.86 6.19
N ALA B 269 6.53 -39.37 5.08
CA ALA B 269 6.43 -40.79 4.79
C ALA B 269 7.12 -41.64 5.85
N ILE B 270 8.32 -41.22 6.28
CA ILE B 270 9.10 -41.99 7.25
C ILE B 270 8.42 -41.97 8.62
N CYS B 271 7.95 -40.80 9.06
CA CYS B 271 7.37 -40.68 10.39
C CYS B 271 5.95 -41.24 10.48
N TRP B 272 5.24 -41.40 9.36
CA TRP B 272 3.89 -41.93 9.44
C TRP B 272 3.72 -43.31 8.81
N LEU B 273 4.82 -43.96 8.38
CA LEU B 273 4.72 -45.38 8.02
C LEU B 273 4.47 -46.30 9.23
N PRO B 274 5.32 -46.32 10.29
CA PRO B 274 5.14 -47.37 11.30
C PRO B 274 3.93 -47.18 12.21
N PHE B 275 3.40 -45.96 12.29
CA PHE B 275 2.15 -45.70 13.02
C PHE B 275 0.99 -46.50 12.44
N HIS B 276 0.76 -46.34 11.14
CA HIS B 276 -0.30 -47.10 10.48
C HIS B 276 0.07 -48.58 10.36
N ILE B 277 1.37 -48.89 10.27
CA ILE B 277 1.80 -50.29 10.21
C ILE B 277 1.43 -51.03 11.49
N PHE B 278 1.68 -50.42 12.65
CA PHE B 278 1.31 -51.07 13.91
C PHE B 278 -0.19 -51.05 14.13
N PHE B 279 -0.88 -49.98 13.74
CA PHE B 279 -2.32 -49.99 13.96
C PHE B 279 -3.08 -50.86 12.97
N LEU B 280 -2.44 -51.31 11.90
CA LEU B 280 -3.00 -52.36 11.05
C LEU B 280 -2.38 -53.73 11.31
N LEU B 281 -1.37 -53.81 12.17
CA LEU B 281 -0.79 -55.10 12.56
C LEU B 281 -1.75 -56.14 13.16
N PRO B 282 -2.67 -55.83 14.11
CA PRO B 282 -3.43 -56.93 14.74
C PRO B 282 -4.46 -57.60 13.84
N TYR B 283 -4.72 -57.06 12.66
CA TYR B 283 -5.59 -57.72 11.70
C TYR B 283 -4.83 -58.61 10.73
N ILE B 284 -3.52 -58.75 10.92
CA ILE B 284 -2.68 -59.64 10.11
C ILE B 284 -1.93 -60.64 10.98
N ASN B 285 -1.21 -60.15 11.98
CA ASN B 285 -0.42 -60.99 12.88
C ASN B 285 -0.77 -60.63 14.33
N PRO B 286 -1.83 -61.22 14.88
CA PRO B 286 -2.28 -60.85 16.23
C PRO B 286 -1.50 -61.53 17.35
N ASP B 287 -0.47 -62.33 17.04
CA ASP B 287 0.23 -63.10 18.05
C ASP B 287 1.37 -62.35 18.71
N LEU B 288 1.59 -61.08 18.37
CA LEU B 288 2.74 -60.33 18.85
C LEU B 288 2.48 -59.59 20.17
N TYR B 289 1.28 -59.75 20.74
CA TYR B 289 0.91 -59.04 21.96
C TYR B 289 1.04 -59.91 23.21
N LEU B 290 2.10 -60.71 23.30
CA LEU B 290 2.35 -61.53 24.47
C LEU B 290 3.11 -60.79 25.56
N LYS B 291 4.18 -60.09 25.22
CA LYS B 291 5.09 -59.49 26.19
C LYS B 291 5.14 -57.97 26.00
N LYS B 292 6.10 -57.34 26.68
CA LYS B 292 6.33 -55.90 26.64
C LYS B 292 7.06 -55.45 25.37
N PHE B 293 7.35 -56.37 24.45
CA PHE B 293 7.92 -56.00 23.16
C PHE B 293 6.96 -55.10 22.39
N ILE B 294 5.66 -55.39 22.46
CA ILE B 294 4.68 -54.54 21.78
C ILE B 294 4.53 -53.21 22.51
N GLN B 295 4.85 -53.16 23.81
CA GLN B 295 4.86 -51.89 24.54
C GLN B 295 6.02 -51.01 24.07
N GLN B 296 7.20 -51.62 23.90
CA GLN B 296 8.35 -50.87 23.39
C GLN B 296 8.12 -50.42 21.94
N VAL B 297 7.49 -51.27 21.13
CA VAL B 297 7.17 -50.93 19.74
C VAL B 297 6.18 -49.76 19.69
N TYR B 298 5.16 -49.79 20.56
CA TYR B 298 4.17 -48.72 20.60
C TYR B 298 4.79 -47.40 21.03
N LEU B 299 5.66 -47.44 22.05
CA LEU B 299 6.31 -46.20 22.50
C LEU B 299 7.26 -45.64 21.45
N ALA B 300 8.00 -46.51 20.76
CA ALA B 300 8.91 -46.08 19.71
C ALA B 300 8.15 -45.46 18.54
N ILE B 301 7.05 -46.08 18.11
CA ILE B 301 6.33 -45.49 16.98
C ILE B 301 5.55 -44.25 17.40
N MET B 302 5.16 -44.11 18.68
CA MET B 302 4.53 -42.86 19.10
C MET B 302 5.54 -41.72 19.11
N TRP B 303 6.78 -42.00 19.53
CA TRP B 303 7.82 -40.97 19.43
C TRP B 303 8.10 -40.60 17.98
N LEU B 304 8.17 -41.60 17.09
CA LEU B 304 8.46 -41.32 15.69
C LEU B 304 7.31 -40.59 15.00
N ALA B 305 6.07 -40.90 15.37
CA ALA B 305 4.92 -40.24 14.77
C ALA B 305 4.70 -38.83 15.31
N MET B 306 5.03 -38.60 16.58
CA MET B 306 4.94 -37.25 17.15
C MET B 306 6.20 -36.44 16.91
N SER B 307 7.22 -37.01 16.27
CA SER B 307 8.36 -36.23 15.82
C SER B 307 8.01 -35.27 14.68
N SER B 308 6.88 -35.45 14.00
CA SER B 308 6.50 -34.60 12.89
C SER B 308 5.86 -33.29 13.32
N THR B 309 5.66 -33.08 14.62
CA THR B 309 5.10 -31.82 15.10
C THR B 309 6.12 -30.68 15.07
N MET B 310 7.39 -31.00 15.35
CA MET B 310 8.43 -29.99 15.51
C MET B 310 8.82 -29.31 14.21
N TYR B 311 8.51 -29.90 13.06
CA TYR B 311 9.24 -29.59 11.84
C TYR B 311 8.81 -28.26 11.24
N ASN B 312 7.51 -27.95 11.30
CA ASN B 312 7.01 -26.72 10.68
C ASN B 312 7.54 -25.42 11.29
N PRO B 313 7.65 -25.24 12.63
CA PRO B 313 8.38 -24.06 13.12
C PRO B 313 9.84 -24.02 12.71
N ILE B 314 10.49 -25.19 12.61
CA ILE B 314 11.88 -25.25 12.15
C ILE B 314 11.99 -24.81 10.70
N ILE B 315 11.06 -25.26 9.85
CA ILE B 315 11.04 -24.88 8.44
C ILE B 315 10.77 -23.38 8.29
N TYR B 316 9.80 -22.85 9.06
CA TYR B 316 9.48 -21.44 8.96
C TYR B 316 10.60 -20.55 9.51
N CYS B 317 11.34 -21.04 10.51
CA CYS B 317 12.48 -20.28 11.01
C CYS B 317 13.66 -20.35 10.05
N CYS B 318 13.84 -21.48 9.38
CA CYS B 318 14.95 -21.64 8.45
C CYS B 318 14.73 -20.91 7.13
N LEU B 319 13.49 -20.73 6.69
CA LEU B 319 13.22 -20.11 5.40
C LEU B 319 13.05 -18.60 5.49
N ASN B 320 12.08 -18.15 6.28
CA ASN B 320 11.70 -16.74 6.30
C ASN B 320 12.56 -15.94 7.26
N ASP B 321 12.72 -14.65 6.98
CA ASP B 321 13.53 -13.77 7.82
C ASP B 321 12.70 -13.14 8.92
N ARG B 322 11.46 -12.77 8.63
CA ARG B 322 10.60 -12.17 9.65
C ARG B 322 10.18 -13.19 10.70
N PHE B 323 10.12 -14.47 10.32
CA PHE B 323 9.90 -15.52 11.32
C PHE B 323 11.11 -15.67 12.24
N ARG B 324 12.32 -15.53 11.69
CA ARG B 324 13.52 -15.52 12.54
C ARG B 324 13.51 -14.33 13.48
N LEU B 325 13.08 -13.17 12.98
CA LEU B 325 12.95 -11.98 13.84
C LEU B 325 11.89 -12.20 14.91
N GLY B 326 10.82 -12.93 14.57
CA GLY B 326 9.79 -13.22 15.56
C GLY B 326 10.24 -14.18 16.65
N PHE B 327 10.95 -15.25 16.28
CA PHE B 327 11.52 -16.15 17.28
C PHE B 327 12.59 -15.45 18.11
N LYS B 328 13.30 -14.47 17.52
CA LYS B 328 14.24 -13.69 18.30
C LYS B 328 13.53 -12.75 19.27
N HIS B 329 12.40 -12.17 18.86
CA HIS B 329 11.68 -11.23 19.70
C HIS B 329 10.89 -11.93 20.81
N ALA B 330 10.43 -13.16 20.58
CA ALA B 330 9.61 -13.84 21.58
C ALA B 330 10.45 -14.29 22.77
N PHE B 331 11.63 -14.85 22.52
CA PHE B 331 12.48 -15.32 23.60
C PHE B 331 13.39 -14.22 24.10
N GLN C 1 -2.50 -58.83 25.74
CA GLN C 1 -3.15 -57.62 25.23
C GLN C 1 -2.44 -56.37 25.74
N PHE C 2 -2.49 -55.30 24.96
CA PHE C 2 -1.81 -54.06 25.35
C PHE C 2 -2.74 -52.86 25.39
N PHE C 3 -3.70 -52.77 24.46
CA PHE C 3 -4.65 -51.66 24.32
C PHE C 3 -3.93 -50.32 24.14
N GLY C 4 -3.21 -50.20 23.03
CA GLY C 4 -2.65 -48.92 22.64
C GLY C 4 -3.71 -47.99 22.08
N LEU C 5 -3.45 -46.69 22.19
CA LEU C 5 -4.39 -45.68 21.75
C LEU C 5 -3.73 -44.74 20.76
N MET C 6 -4.52 -44.23 19.81
CA MET C 6 -4.03 -43.32 18.79
C MET C 6 -3.69 -41.96 19.39
N NH2 C 7 -4.08 -41.70 20.64
N LEU D 44 6.45 45.73 -7.06
CA LEU D 44 5.36 46.40 -6.35
C LEU D 44 4.95 45.54 -5.15
N LYS D 45 5.37 44.27 -5.16
CA LYS D 45 5.11 43.37 -4.04
C LYS D 45 6.02 43.66 -2.86
N ASN D 46 7.10 44.42 -3.06
CA ASN D 46 7.93 44.86 -1.94
C ASN D 46 7.17 45.81 -1.01
N GLN D 47 6.29 46.65 -1.58
CA GLN D 47 5.41 47.48 -0.76
C GLN D 47 4.43 46.64 0.04
N ILE D 48 3.94 45.54 -0.55
CA ILE D 48 3.06 44.61 0.16
C ILE D 48 3.81 43.96 1.32
N ARG D 49 5.07 43.56 1.07
CA ARG D 49 5.88 42.96 2.14
C ARG D 49 6.18 43.96 3.25
N ASP D 50 6.44 45.23 2.89
CA ASP D 50 6.66 46.26 3.89
C ASP D 50 5.39 46.55 4.70
N ALA D 51 4.24 46.52 4.04
CA ALA D 51 2.97 46.72 4.74
C ALA D 51 2.66 45.57 5.69
N ARG D 52 2.97 44.33 5.27
CA ARG D 52 2.78 43.19 6.17
C ARG D 52 3.79 43.19 7.31
N LYS D 53 4.99 43.71 7.09
CA LYS D 53 5.96 43.86 8.17
C LYS D 53 5.50 44.94 9.15
N ALA D 54 4.92 46.02 8.65
CA ALA D 54 4.37 47.05 9.53
C ALA D 54 3.14 46.56 10.27
N CYS D 55 2.38 45.64 9.67
CA CYS D 55 1.21 45.07 10.34
C CYS D 55 1.61 44.04 11.40
N ALA D 56 2.87 43.61 11.43
CA ALA D 56 3.34 42.64 12.42
C ALA D 56 3.51 43.36 13.74
N ASP D 57 2.45 43.34 14.55
CA ASP D 57 2.47 43.94 15.88
C ASP D 57 2.92 42.93 16.93
N ALA D 58 2.35 41.73 16.91
CA ALA D 58 2.70 40.69 17.87
C ALA D 58 2.41 39.33 17.23
N THR D 59 2.98 38.29 17.82
CA THR D 59 2.73 36.93 17.38
C THR D 59 1.34 36.48 17.83
N LEU D 60 0.88 35.37 17.24
CA LEU D 60 -0.39 34.79 17.67
C LEU D 60 -0.30 34.23 19.07
N SER D 61 0.82 33.58 19.41
CA SER D 61 1.00 32.99 20.73
C SER D 61 1.20 34.03 21.83
N GLN D 62 1.49 35.29 21.47
CA GLN D 62 1.59 36.34 22.47
C GLN D 62 0.23 36.69 23.06
N ILE D 63 -0.84 36.53 22.27
CA ILE D 63 -2.18 36.87 22.73
C ILE D 63 -2.93 35.70 23.36
N THR D 64 -2.40 34.47 23.23
CA THR D 64 -3.07 33.29 23.76
C THR D 64 -2.45 32.82 25.07
N ASN D 65 -1.76 33.70 25.80
CA ASN D 65 -1.08 33.26 27.01
C ASN D 65 -2.04 33.05 28.18
N ASN D 66 -3.12 33.83 28.25
CA ASN D 66 -4.01 33.82 29.42
C ASN D 66 -5.17 32.83 29.26
N ILE D 67 -4.84 31.57 28.97
CA ILE D 67 -5.85 30.52 28.89
C ILE D 67 -5.16 29.18 29.16
N ASP D 68 -5.92 28.22 29.68
CA ASP D 68 -5.39 26.89 29.88
C ASP D 68 -5.36 26.12 28.56
N PRO D 69 -4.36 25.25 28.38
CA PRO D 69 -4.34 24.40 27.17
C PRO D 69 -5.40 23.31 27.24
N VAL D 70 -5.64 22.71 26.08
CA VAL D 70 -6.64 21.64 25.98
C VAL D 70 -6.17 20.39 26.69
N GLY D 71 -4.93 19.98 26.45
CA GLY D 71 -4.42 18.75 27.03
C GLY D 71 -4.32 17.62 26.02
N ARG D 72 -4.63 16.41 26.45
CA ARG D 72 -4.56 15.24 25.59
C ARG D 72 -5.95 14.91 25.05
N ILE D 73 -6.05 14.74 23.73
CA ILE D 73 -7.29 14.37 23.05
C ILE D 73 -7.08 13.00 22.43
N GLN D 74 -7.86 12.03 22.88
CA GLN D 74 -7.75 10.65 22.40
C GLN D 74 -9.11 10.18 21.91
N MET D 75 -9.08 9.28 20.93
CA MET D 75 -10.30 8.72 20.36
C MET D 75 -10.07 7.24 20.07
N ARG D 76 -11.18 6.53 19.89
CA ARG D 76 -11.15 5.12 19.56
C ARG D 76 -12.02 4.87 18.34
N THR D 77 -11.67 3.83 17.58
CA THR D 77 -12.41 3.46 16.37
C THR D 77 -13.75 2.85 16.78
N ARG D 78 -14.81 3.65 16.72
CA ARG D 78 -16.13 3.14 17.08
C ARG D 78 -16.68 2.21 16.01
N ARG D 79 -16.55 2.59 14.75
CA ARG D 79 -17.01 1.78 13.63
C ARG D 79 -15.86 1.57 12.65
N THR D 80 -15.75 0.36 12.12
CA THR D 80 -14.78 0.03 11.08
C THR D 80 -15.54 -0.46 9.85
N LEU D 81 -15.28 0.17 8.72
CA LEU D 81 -15.99 -0.11 7.47
C LEU D 81 -15.08 -0.92 6.56
N ARG D 82 -15.48 -2.16 6.28
CA ARG D 82 -14.72 -3.06 5.41
C ARG D 82 -15.68 -3.55 4.34
N GLY D 83 -15.86 -2.75 3.30
CA GLY D 83 -16.66 -3.16 2.16
C GLY D 83 -16.05 -2.67 0.87
N HIS D 84 -14.92 -1.97 0.98
CA HIS D 84 -14.19 -1.48 -0.17
C HIS D 84 -13.15 -2.50 -0.59
N LEU D 85 -12.99 -2.63 -1.91
CA LEU D 85 -12.07 -3.61 -2.49
C LEU D 85 -10.67 -3.02 -2.65
N ALA D 86 -10.56 -1.97 -3.45
CA ALA D 86 -9.29 -1.32 -3.70
C ALA D 86 -9.13 -0.09 -2.83
N LYS D 87 -8.12 0.70 -3.17
CA LYS D 87 -7.75 1.92 -2.50
C LYS D 87 -8.81 3.02 -2.70
N ILE D 88 -9.01 3.84 -1.66
CA ILE D 88 -9.98 4.92 -1.68
C ILE D 88 -9.24 6.25 -1.72
N TYR D 89 -9.92 7.30 -2.16
CA TYR D 89 -9.19 8.56 -2.30
C TYR D 89 -9.89 9.73 -1.62
N ALA D 90 -11.22 9.72 -1.54
CA ALA D 90 -11.94 10.90 -1.07
C ALA D 90 -13.20 10.51 -0.31
N MET D 91 -13.71 11.47 0.45
CA MET D 91 -14.82 11.26 1.37
C MET D 91 -15.38 12.63 1.77
N HIS D 92 -16.69 12.67 2.02
CA HIS D 92 -17.35 13.87 2.53
C HIS D 92 -18.49 13.48 3.47
N TRP D 93 -18.67 14.27 4.53
CA TRP D 93 -19.76 14.08 5.47
C TRP D 93 -21.02 14.82 5.02
N GLY D 94 -22.17 14.23 5.28
CA GLY D 94 -23.43 14.90 5.04
C GLY D 94 -23.75 15.92 6.12
N THR D 95 -24.72 16.77 5.82
CA THR D 95 -25.15 17.79 6.78
C THR D 95 -26.04 17.21 7.88
N ASP D 96 -26.62 16.03 7.67
CA ASP D 96 -27.42 15.36 8.68
C ASP D 96 -26.59 14.54 9.67
N SER D 97 -25.28 14.43 9.42
CA SER D 97 -24.31 13.74 10.30
C SER D 97 -24.64 12.26 10.50
N ARG D 98 -25.27 11.64 9.52
CA ARG D 98 -25.61 10.23 9.63
C ARG D 98 -25.14 9.40 8.45
N LEU D 99 -25.15 9.96 7.25
CA LEU D 99 -24.74 9.26 6.05
C LEU D 99 -23.51 9.93 5.47
N LEU D 100 -22.51 9.13 5.12
CA LEU D 100 -21.31 9.61 4.46
C LEU D 100 -21.12 8.84 3.16
N VAL D 101 -20.27 9.39 2.29
CA VAL D 101 -20.01 8.83 0.98
C VAL D 101 -18.51 8.63 0.83
N SER D 102 -18.13 7.49 0.26
CA SER D 102 -16.73 7.14 0.06
C SER D 102 -16.49 6.81 -1.40
N ALA D 103 -15.39 7.32 -1.94
CA ALA D 103 -15.00 7.13 -3.33
C ALA D 103 -13.72 6.31 -3.39
N SER D 104 -13.74 5.23 -4.18
CA SER D 104 -12.62 4.31 -4.29
C SER D 104 -12.17 4.22 -5.73
N GLN D 105 -10.97 3.69 -5.92
CA GLN D 105 -10.34 3.62 -7.24
C GLN D 105 -10.67 2.34 -8.00
N ASP D 106 -11.51 1.47 -7.45
CA ASP D 106 -11.99 0.30 -8.19
C ASP D 106 -13.28 0.58 -8.94
N GLY D 107 -13.78 1.80 -8.89
CA GLY D 107 -15.02 2.13 -9.56
C GLY D 107 -16.27 2.00 -8.71
N LYS D 108 -16.15 2.09 -7.39
CA LYS D 108 -17.29 1.98 -6.50
C LYS D 108 -17.42 3.27 -5.69
N LEU D 109 -18.62 3.86 -5.73
CA LEU D 109 -18.96 5.02 -4.93
C LEU D 109 -20.01 4.56 -3.93
N ILE D 110 -19.65 4.43 -2.65
CA ILE D 110 -20.52 3.79 -1.67
C ILE D 110 -20.97 4.82 -0.65
N ILE D 111 -22.28 5.00 -0.54
CA ILE D 111 -22.89 5.78 0.53
C ILE D 111 -23.27 4.82 1.64
N TRP D 112 -22.74 5.06 2.83
CA TRP D 112 -22.88 4.16 3.96
C TRP D 112 -23.88 4.71 4.97
N ASP D 113 -24.10 3.93 6.03
CA ASP D 113 -24.80 4.37 7.21
C ASP D 113 -23.82 4.31 8.38
N SER D 114 -23.58 5.47 9.00
CA SER D 114 -22.55 5.54 10.04
C SER D 114 -23.01 4.91 11.35
N TYR D 115 -24.31 4.92 11.63
CA TYR D 115 -24.81 4.38 12.89
C TYR D 115 -24.71 2.85 12.92
N THR D 116 -25.18 2.19 11.87
CA THR D 116 -25.27 0.73 11.85
C THR D 116 -24.08 0.06 11.19
N THR D 117 -23.15 0.85 10.63
CA THR D 117 -21.99 0.39 9.84
C THR D 117 -22.45 -0.53 8.70
N ASN D 118 -23.22 0.05 7.79
CA ASN D 118 -23.78 -0.70 6.68
C ASN D 118 -23.97 0.25 5.50
N LYS D 119 -24.03 -0.33 4.30
CA LYS D 119 -24.13 0.43 3.07
C LYS D 119 -25.60 0.63 2.70
N VAL D 120 -25.94 1.86 2.33
CA VAL D 120 -27.31 2.15 1.91
C VAL D 120 -27.32 2.26 0.39
N HIS D 121 -26.18 2.62 -0.21
CA HIS D 121 -26.11 2.72 -1.67
C HIS D 121 -24.70 2.37 -2.12
N ALA D 122 -24.60 1.71 -3.28
CA ALA D 122 -23.31 1.33 -3.85
C ALA D 122 -23.41 1.48 -5.37
N ILE D 123 -22.79 2.53 -5.90
CA ILE D 123 -22.93 2.89 -7.31
C ILE D 123 -21.67 2.45 -8.04
N PRO D 124 -21.76 1.61 -9.06
CA PRO D 124 -20.61 1.36 -9.93
C PRO D 124 -20.35 2.55 -10.83
N LEU D 125 -19.09 2.97 -10.90
CA LEU D 125 -18.71 4.16 -11.65
C LEU D 125 -18.29 3.80 -13.06
N ARG D 126 -18.45 4.76 -13.98
CA ARG D 126 -18.05 4.54 -15.36
C ARG D 126 -16.53 4.50 -15.50
N SER D 127 -15.84 5.41 -14.82
CA SER D 127 -14.38 5.45 -14.82
C SER D 127 -13.85 5.02 -13.46
N SER D 128 -12.81 4.20 -13.47
CA SER D 128 -12.28 3.66 -12.22
C SER D 128 -11.51 4.71 -11.45
N TRP D 129 -10.91 5.69 -12.13
CA TRP D 129 -10.02 6.65 -11.50
C TRP D 129 -10.80 7.90 -11.10
N VAL D 130 -11.09 8.03 -9.80
CA VAL D 130 -11.72 9.22 -9.24
C VAL D 130 -10.82 9.77 -8.13
N MET D 131 -10.97 11.06 -7.85
CA MET D 131 -10.19 11.73 -6.82
C MET D 131 -11.00 12.61 -5.89
N THR D 132 -12.28 12.85 -6.17
CA THR D 132 -13.07 13.73 -5.32
C THR D 132 -14.51 13.25 -5.26
N CYS D 133 -15.17 13.61 -4.17
CA CYS D 133 -16.60 13.39 -4.01
C CYS D 133 -17.14 14.38 -2.98
N ALA D 134 -18.43 14.66 -3.08
CA ALA D 134 -19.10 15.56 -2.15
C ALA D 134 -20.57 15.19 -2.10
N TYR D 135 -21.14 15.21 -0.90
CA TYR D 135 -22.53 14.84 -0.68
C TYR D 135 -23.31 16.11 -0.42
N ALA D 136 -24.43 16.29 -1.13
CA ALA D 136 -25.13 17.56 -1.17
C ALA D 136 -25.77 17.88 0.19
N PRO D 137 -25.89 19.16 0.54
CA PRO D 137 -26.56 19.52 1.80
C PRO D 137 -28.03 19.14 1.85
N SER D 138 -28.71 19.12 0.71
CA SER D 138 -30.09 18.61 0.68
C SER D 138 -30.13 17.09 0.79
N GLY D 139 -29.02 16.41 0.51
CA GLY D 139 -28.96 14.97 0.62
C GLY D 139 -29.49 14.21 -0.58
N ASN D 140 -29.96 14.90 -1.61
CA ASN D 140 -30.51 14.26 -2.80
C ASN D 140 -29.49 14.10 -3.91
N TYR D 141 -28.27 14.59 -3.73
CA TYR D 141 -27.26 14.56 -4.78
C TYR D 141 -25.91 14.16 -4.20
N VAL D 142 -25.08 13.56 -5.05
CA VAL D 142 -23.68 13.32 -4.74
C VAL D 142 -22.87 13.47 -6.02
N ALA D 143 -21.72 14.14 -5.94
CA ALA D 143 -20.89 14.40 -7.10
C ALA D 143 -19.64 13.55 -7.06
N CYS D 144 -19.03 13.34 -8.23
CA CYS D 144 -17.74 12.65 -8.30
C CYS D 144 -16.99 13.15 -9.52
N GLY D 145 -15.67 13.03 -9.46
CA GLY D 145 -14.81 13.43 -10.56
C GLY D 145 -13.43 12.85 -10.39
N GLY D 146 -12.69 12.84 -11.49
CA GLY D 146 -11.35 12.27 -11.47
C GLY D 146 -10.52 12.55 -12.71
N LEU D 147 -9.80 11.52 -13.18
CA LEU D 147 -8.95 11.65 -14.35
C LEU D 147 -9.72 11.54 -15.66
N ASP D 148 -11.02 11.25 -15.61
CA ASP D 148 -11.82 11.12 -16.83
C ASP D 148 -12.36 12.44 -17.35
N ASN D 149 -11.99 13.56 -16.70
CA ASN D 149 -12.34 14.93 -17.10
C ASN D 149 -13.84 15.17 -17.05
N ILE D 150 -14.56 14.44 -16.21
CA ILE D 150 -16.02 14.52 -16.10
C ILE D 150 -16.37 14.75 -14.64
N CYS D 151 -17.25 15.71 -14.38
CA CYS D 151 -17.84 15.89 -13.06
C CYS D 151 -19.25 15.32 -13.06
N SER D 152 -19.34 14.02 -12.77
CA SER D 152 -20.62 13.34 -12.82
C SER D 152 -21.45 13.66 -11.57
N ILE D 153 -22.75 13.89 -11.78
CA ILE D 153 -23.66 14.17 -10.67
C ILE D 153 -24.68 13.05 -10.59
N TYR D 154 -24.91 12.53 -9.38
CA TYR D 154 -25.74 11.37 -9.12
C TYR D 154 -26.91 11.79 -8.23
N ASN D 155 -28.11 11.40 -8.64
CA ASN D 155 -29.34 11.79 -7.96
C ASN D 155 -29.76 10.71 -6.96
N LEU D 156 -30.24 11.12 -5.80
CA LEU D 156 -30.66 10.23 -4.73
C LEU D 156 -32.17 10.27 -4.52
N LYS D 157 -32.92 10.34 -5.61
CA LYS D 157 -34.38 10.35 -5.54
C LYS D 157 -34.98 9.42 -6.58
N VAL D 163 -30.44 3.89 -8.52
CA VAL D 163 -29.61 5.08 -8.64
C VAL D 163 -28.93 5.10 -10.00
N ARG D 164 -29.09 6.19 -10.74
CA ARG D 164 -28.48 6.36 -12.05
C ARG D 164 -27.80 7.72 -12.11
N VAL D 165 -27.02 7.92 -13.16
CA VAL D 165 -26.33 9.20 -13.35
C VAL D 165 -27.33 10.25 -13.81
N SER D 166 -27.22 11.45 -13.23
CA SER D 166 -28.12 12.53 -13.64
C SER D 166 -27.54 13.29 -14.84
N ARG D 167 -26.39 13.93 -14.67
CA ARG D 167 -25.73 14.64 -15.76
C ARG D 167 -24.22 14.46 -15.63
N GLU D 168 -23.51 14.81 -16.71
CA GLU D 168 -22.07 14.65 -16.81
C GLU D 168 -21.47 15.96 -17.31
N LEU D 169 -20.65 16.59 -16.46
CA LEU D 169 -20.06 17.88 -16.77
C LEU D 169 -18.71 17.68 -17.47
N ALA D 170 -18.56 18.30 -18.64
CA ALA D 170 -17.36 18.19 -19.46
C ALA D 170 -16.91 19.59 -19.89
N GLY D 171 -16.11 20.24 -19.05
CA GLY D 171 -15.53 21.53 -19.42
C GLY D 171 -14.10 21.70 -18.99
N HIS D 172 -13.57 20.72 -18.25
CA HIS D 172 -12.22 20.77 -17.72
C HIS D 172 -11.29 19.94 -18.58
N THR D 173 -10.09 20.46 -18.80
CA THR D 173 -9.08 19.75 -19.56
C THR D 173 -8.17 18.88 -18.70
N GLY D 174 -8.04 19.19 -17.41
CA GLY D 174 -7.25 18.41 -16.50
C GLY D 174 -8.10 17.59 -15.53
N TYR D 175 -7.41 16.79 -14.72
CA TYR D 175 -8.06 15.95 -13.73
C TYR D 175 -8.69 16.80 -12.63
N LEU D 176 -9.89 16.41 -12.20
CA LEU D 176 -10.55 17.10 -11.11
C LEU D 176 -9.91 16.73 -9.78
N SER D 177 -9.94 17.66 -8.84
CA SER D 177 -9.32 17.38 -7.57
C SER D 177 -10.26 17.59 -6.38
N CYS D 178 -11.14 18.58 -6.44
CA CYS D 178 -12.06 18.84 -5.35
C CYS D 178 -13.30 19.54 -5.90
N CYS D 179 -14.47 19.11 -5.43
CA CYS D 179 -15.73 19.77 -5.78
C CYS D 179 -16.58 19.86 -4.52
N ARG D 180 -17.31 20.98 -4.39
CA ARG D 180 -18.19 21.20 -3.25
C ARG D 180 -19.46 21.89 -3.73
N PHE D 181 -20.57 21.60 -3.06
CA PHE D 181 -21.88 22.12 -3.42
C PHE D 181 -22.16 23.43 -2.70
N LEU D 182 -22.46 24.49 -3.46
CA LEU D 182 -23.03 25.68 -2.85
C LEU D 182 -24.49 25.42 -2.49
N ASP D 183 -25.34 25.24 -3.49
CA ASP D 183 -26.74 24.88 -3.36
C ASP D 183 -26.96 23.63 -4.19
N ASP D 184 -28.22 23.26 -4.43
CA ASP D 184 -28.52 22.14 -5.32
C ASP D 184 -28.45 22.53 -6.80
N ASN D 185 -28.35 23.82 -7.10
CA ASN D 185 -28.33 24.31 -8.48
C ASN D 185 -26.91 24.57 -8.95
N GLN D 186 -26.06 25.14 -8.10
CA GLN D 186 -24.72 25.54 -8.49
C GLN D 186 -23.67 24.79 -7.68
N ILE D 187 -22.56 24.46 -8.33
CA ILE D 187 -21.47 23.69 -7.74
C ILE D 187 -20.15 24.34 -8.15
N VAL D 188 -19.16 24.29 -7.28
CA VAL D 188 -17.82 24.78 -7.59
C VAL D 188 -16.88 23.59 -7.70
N THR D 189 -16.11 23.54 -8.79
CA THR D 189 -15.17 22.46 -9.04
C THR D 189 -13.78 23.03 -9.25
N SER D 190 -12.77 22.20 -9.02
CA SER D 190 -11.39 22.59 -9.23
C SER D 190 -10.67 21.48 -9.98
N SER D 191 -9.80 21.87 -10.91
CA SER D 191 -9.07 20.88 -11.68
C SER D 191 -7.58 21.19 -11.64
N GLY D 192 -6.79 20.24 -12.13
CA GLY D 192 -5.35 20.35 -12.16
C GLY D 192 -4.79 21.18 -13.30
N ASP D 193 -5.66 21.72 -14.16
CA ASP D 193 -5.25 22.61 -15.23
C ASP D 193 -5.37 24.08 -14.84
N THR D 194 -5.11 24.39 -13.56
CA THR D 194 -5.08 25.74 -12.97
C THR D 194 -6.43 26.47 -13.10
N THR D 195 -7.53 25.72 -13.15
CA THR D 195 -8.85 26.32 -13.34
C THR D 195 -9.80 25.83 -12.25
N CYS D 196 -10.49 26.78 -11.62
CA CYS D 196 -11.71 26.50 -10.87
C CYS D 196 -12.89 26.94 -11.72
N ALA D 197 -14.03 26.29 -11.54
CA ALA D 197 -15.19 26.56 -12.37
C ALA D 197 -16.46 26.54 -11.55
N LEU D 198 -17.32 27.54 -11.75
CA LEU D 198 -18.64 27.57 -11.16
C LEU D 198 -19.64 27.04 -12.19
N TRP D 199 -20.23 25.89 -11.90
CA TRP D 199 -21.16 25.24 -12.80
C TRP D 199 -22.59 25.45 -12.30
N ASP D 200 -23.49 25.63 -13.25
CA ASP D 200 -24.93 25.55 -13.01
C ASP D 200 -25.40 24.22 -13.56
N ILE D 201 -25.91 23.35 -12.68
CA ILE D 201 -26.26 21.99 -13.07
C ILE D 201 -27.49 21.98 -13.96
N GLU D 202 -28.35 23.00 -13.84
CA GLU D 202 -29.54 23.09 -14.67
C GLU D 202 -29.22 23.34 -16.14
N THR D 203 -28.12 24.04 -16.43
CA THR D 203 -27.72 24.27 -17.81
C THR D 203 -26.41 23.59 -18.20
N GLY D 204 -25.59 23.19 -17.22
CA GLY D 204 -24.37 22.47 -17.52
C GLY D 204 -23.27 23.29 -18.16
N GLN D 205 -23.29 24.62 -17.97
CA GLN D 205 -22.28 25.49 -18.54
C GLN D 205 -21.62 26.28 -17.41
N GLN D 206 -20.37 26.65 -17.63
CA GLN D 206 -19.62 27.40 -16.63
C GLN D 206 -20.15 28.82 -16.53
N THR D 207 -20.41 29.27 -15.30
CA THR D 207 -20.83 30.65 -15.07
C THR D 207 -19.61 31.55 -14.93
N THR D 208 -18.72 31.24 -14.00
CA THR D 208 -17.47 31.96 -13.84
C THR D 208 -16.30 30.97 -13.84
N THR D 209 -15.25 31.32 -14.56
CA THR D 209 -14.04 30.50 -14.63
C THR D 209 -12.92 31.23 -13.90
N PHE D 210 -12.49 30.66 -12.78
CA PHE D 210 -11.46 31.24 -11.92
C PHE D 210 -10.11 30.75 -12.43
N THR D 211 -9.34 31.68 -12.99
CA THR D 211 -8.02 31.43 -13.55
C THR D 211 -7.05 32.44 -12.94
N GLY D 212 -6.41 32.06 -11.84
CA GLY D 212 -5.41 32.90 -11.21
C GLY D 212 -4.25 32.11 -10.66
N HIS D 213 -4.27 30.80 -10.86
CA HIS D 213 -3.25 29.90 -10.33
C HIS D 213 -2.25 29.52 -11.42
N THR D 214 -1.05 29.16 -10.99
CA THR D 214 0.00 28.67 -11.88
C THR D 214 0.31 27.20 -11.70
N GLY D 215 0.09 26.66 -10.50
CA GLY D 215 0.22 25.24 -10.26
C GLY D 215 -1.14 24.55 -10.21
N ASP D 216 -1.09 23.22 -10.20
CA ASP D 216 -2.30 22.42 -10.24
C ASP D 216 -3.09 22.57 -8.94
N VAL D 217 -4.39 22.80 -9.06
CA VAL D 217 -5.23 23.11 -7.90
C VAL D 217 -5.67 21.81 -7.24
N MET D 218 -5.45 21.72 -5.93
CA MET D 218 -5.70 20.48 -5.19
C MET D 218 -6.98 20.50 -4.37
N SER D 219 -7.30 21.60 -3.70
CA SER D 219 -8.45 21.60 -2.80
C SER D 219 -9.10 22.97 -2.76
N LEU D 220 -10.37 22.98 -2.38
CA LEU D 220 -11.12 24.20 -2.13
C LEU D 220 -11.99 24.00 -0.90
N SER D 221 -12.28 25.10 -0.21
CA SER D 221 -13.15 25.09 0.96
C SER D 221 -14.20 26.17 0.84
N LEU D 222 -15.40 25.90 1.35
CA LEU D 222 -16.54 26.80 1.23
C LEU D 222 -16.76 27.53 2.54
N ALA D 223 -16.96 28.84 2.44
CA ALA D 223 -17.26 29.66 3.60
C ALA D 223 -18.65 29.34 4.14
N PRO D 224 -18.88 29.55 5.43
CA PRO D 224 -20.25 29.43 5.98
C PRO D 224 -21.25 30.42 5.39
N ASP D 225 -20.79 31.56 4.86
CA ASP D 225 -21.67 32.53 4.24
C ASP D 225 -22.11 32.14 2.83
N THR D 226 -21.47 31.12 2.25
CA THR D 226 -21.73 30.60 0.88
C THR D 226 -21.60 31.68 -0.19
N ARG D 227 -20.67 32.61 0.01
CA ARG D 227 -20.42 33.68 -0.95
C ARG D 227 -18.95 33.80 -1.37
N LEU D 228 -18.01 33.30 -0.58
CA LEU D 228 -16.60 33.29 -0.93
C LEU D 228 -16.07 31.87 -0.76
N PHE D 229 -14.97 31.57 -1.45
CA PHE D 229 -14.33 30.28 -1.25
C PHE D 229 -12.82 30.40 -1.45
N VAL D 230 -12.05 29.73 -0.61
CA VAL D 230 -10.60 29.75 -0.69
C VAL D 230 -10.16 28.45 -1.37
N SER D 231 -9.08 28.53 -2.13
CA SER D 231 -8.59 27.39 -2.89
C SER D 231 -7.07 27.35 -2.85
N GLY D 232 -6.53 26.14 -2.73
CA GLY D 232 -5.10 25.94 -2.69
C GLY D 232 -4.62 25.14 -3.89
N ALA D 233 -3.39 25.43 -4.33
CA ALA D 233 -2.85 24.84 -5.54
C ALA D 233 -1.41 24.38 -5.30
N CYS D 234 -0.77 23.92 -6.38
CA CYS D 234 0.58 23.38 -6.32
C CYS D 234 1.64 24.43 -6.64
N ASP D 235 1.42 25.69 -6.28
CA ASP D 235 2.40 26.74 -6.46
C ASP D 235 2.72 27.46 -5.15
N ALA D 236 2.47 26.78 -4.02
CA ALA D 236 2.66 27.31 -2.65
C ALA D 236 1.87 28.60 -2.42
N SER D 237 0.69 28.69 -3.04
CA SER D 237 -0.17 29.86 -2.93
C SER D 237 -1.61 29.42 -2.86
N ALA D 238 -2.31 29.86 -1.82
CA ALA D 238 -3.75 29.65 -1.68
C ALA D 238 -4.42 31.01 -1.69
N LYS D 239 -5.56 31.10 -2.37
CA LYS D 239 -6.17 32.40 -2.61
C LYS D 239 -7.69 32.32 -2.56
N LEU D 240 -8.31 33.47 -2.29
CA LEU D 240 -9.75 33.58 -2.07
C LEU D 240 -10.43 34.08 -3.34
N TRP D 241 -11.62 33.55 -3.62
CA TRP D 241 -12.43 33.95 -4.74
C TRP D 241 -13.84 34.30 -4.30
N ASP D 242 -14.47 35.17 -5.09
CA ASP D 242 -15.87 35.54 -4.95
C ASP D 242 -16.66 34.84 -6.05
N VAL D 243 -17.73 34.15 -5.68
CA VAL D 243 -18.52 33.43 -6.67
C VAL D 243 -19.37 34.40 -7.48
N ARG D 244 -19.73 35.54 -6.90
CA ARG D 244 -20.56 36.50 -7.62
C ARG D 244 -19.71 37.41 -8.50
N GLU D 245 -18.59 37.92 -7.97
CA GLU D 245 -17.74 38.83 -8.74
C GLU D 245 -16.94 38.09 -9.80
N GLY D 246 -16.63 36.82 -9.58
CA GLY D 246 -15.89 36.04 -10.55
C GLY D 246 -14.42 36.38 -10.63
N MET D 247 -13.85 36.97 -9.58
CA MET D 247 -12.45 37.36 -9.59
C MET D 247 -11.84 37.08 -8.22
N CYS D 248 -10.52 36.99 -8.19
CA CYS D 248 -9.80 36.77 -6.94
C CYS D 248 -9.84 38.01 -6.07
N ARG D 249 -9.81 37.79 -4.76
CA ARG D 249 -9.83 38.87 -3.78
C ARG D 249 -8.47 39.09 -3.13
N GLN D 250 -7.92 38.05 -2.51
CA GLN D 250 -6.64 38.11 -1.83
C GLN D 250 -5.80 36.90 -2.22
N THR D 251 -4.48 37.05 -2.13
CA THR D 251 -3.54 35.98 -2.44
C THR D 251 -2.61 35.78 -1.26
N PHE D 252 -2.47 34.53 -0.81
CA PHE D 252 -1.67 34.20 0.37
C PHE D 252 -0.56 33.23 -0.04
N THR D 253 0.68 33.66 0.15
CA THR D 253 1.86 32.84 -0.18
C THR D 253 2.70 32.71 1.09
N GLY D 254 2.59 31.58 1.77
CA GLY D 254 3.34 31.36 2.99
C GLY D 254 4.11 30.06 3.06
N HIS D 255 3.73 29.09 2.24
CA HIS D 255 4.29 27.75 2.31
C HIS D 255 5.48 27.61 1.34
N GLU D 256 6.09 26.42 1.37
CA GLU D 256 7.28 26.14 0.58
C GLU D 256 7.11 24.99 -0.40
N SER D 257 5.93 24.39 -0.49
CA SER D 257 5.70 23.28 -1.40
C SER D 257 4.22 23.28 -1.80
N ASP D 258 3.76 22.16 -2.34
CA ASP D 258 2.43 22.07 -2.91
C ASP D 258 1.37 21.98 -1.81
N ILE D 259 0.37 22.86 -1.87
CA ILE D 259 -0.75 22.82 -0.94
C ILE D 259 -1.69 21.70 -1.36
N ASN D 260 -1.99 20.80 -0.42
CA ASN D 260 -2.80 19.63 -0.72
C ASN D 260 -4.21 19.68 -0.14
N ALA D 261 -4.42 20.44 0.93
CA ALA D 261 -5.74 20.52 1.56
C ALA D 261 -5.91 21.88 2.21
N ILE D 262 -7.18 22.29 2.37
CA ILE D 262 -7.52 23.58 2.96
C ILE D 262 -8.92 23.45 3.57
N CYS D 263 -9.18 24.26 4.59
CA CYS D 263 -10.47 24.26 5.26
C CYS D 263 -10.69 25.61 5.92
N PHE D 264 -11.94 26.07 5.91
CA PHE D 264 -12.30 27.31 6.57
C PHE D 264 -12.45 27.11 8.07
N PHE D 265 -12.17 28.17 8.84
CA PHE D 265 -12.54 28.19 10.24
C PHE D 265 -14.06 28.34 10.34
N PRO D 266 -14.67 27.88 11.45
CA PRO D 266 -16.12 28.01 11.60
C PRO D 266 -16.67 29.44 11.60
N ASN D 267 -15.86 30.45 11.89
CA ASN D 267 -16.36 31.81 11.80
C ASN D 267 -16.18 32.43 10.41
N GLY D 268 -15.42 31.76 9.53
CA GLY D 268 -15.22 32.24 8.18
C GLY D 268 -14.13 33.27 8.00
N ASN D 269 -13.39 33.61 9.04
CA ASN D 269 -12.37 34.66 8.98
C ASN D 269 -10.95 34.12 9.13
N ALA D 270 -10.75 32.82 8.99
CA ALA D 270 -9.42 32.23 9.05
C ALA D 270 -9.44 30.91 8.30
N PHE D 271 -8.24 30.43 7.95
CA PHE D 271 -8.13 29.13 7.31
C PHE D 271 -6.75 28.52 7.60
N ALA D 272 -6.71 27.21 7.66
CA ALA D 272 -5.48 26.46 7.86
C ALA D 272 -5.10 25.72 6.58
N THR D 273 -3.80 25.63 6.33
CA THR D 273 -3.29 25.01 5.10
C THR D 273 -2.40 23.83 5.44
N GLY D 274 -2.40 22.83 4.56
CA GLY D 274 -1.53 21.68 4.70
C GLY D 274 -0.76 21.41 3.42
N SER D 275 0.55 21.17 3.53
CA SER D 275 1.41 21.04 2.36
C SER D 275 2.41 19.91 2.55
N ASP D 276 3.25 19.70 1.52
CA ASP D 276 4.19 18.59 1.48
C ASP D 276 5.46 18.84 2.27
N ASP D 277 5.70 20.05 2.77
CA ASP D 277 6.92 20.34 3.53
C ASP D 277 6.73 20.11 5.03
N ALA D 278 5.80 19.23 5.41
CA ALA D 278 5.57 18.78 6.79
C ALA D 278 5.24 19.91 7.75
N THR D 279 4.48 20.90 7.28
CA THR D 279 4.08 22.03 8.12
C THR D 279 2.64 22.40 7.84
N CYS D 280 2.03 23.05 8.83
CA CYS D 280 0.72 23.67 8.68
C CYS D 280 0.82 25.13 9.05
N ARG D 281 0.03 25.97 8.40
CA ARG D 281 0.00 27.38 8.72
C ARG D 281 -1.43 27.88 8.81
N LEU D 282 -1.66 28.75 9.79
CA LEU D 282 -2.95 29.40 9.97
C LEU D 282 -2.87 30.83 9.45
N PHE D 283 -3.78 31.19 8.56
CA PHE D 283 -3.83 32.52 7.98
C PHE D 283 -5.17 33.17 8.31
N ASP D 284 -5.13 34.48 8.49
CA ASP D 284 -6.32 35.29 8.68
C ASP D 284 -6.60 36.06 7.41
N LEU D 285 -7.89 36.23 7.09
CA LEU D 285 -8.26 36.88 5.83
C LEU D 285 -8.00 38.38 5.89
N ARG D 286 -8.39 39.03 6.99
CA ARG D 286 -8.25 40.47 7.11
C ARG D 286 -6.80 40.88 7.34
N ALA D 287 -6.08 40.13 8.19
CA ALA D 287 -4.69 40.46 8.48
C ALA D 287 -3.78 40.13 7.30
N ASP D 288 -4.10 39.04 6.58
CA ASP D 288 -3.34 38.53 5.43
C ASP D 288 -1.88 38.25 5.79
N GLN D 289 -1.67 37.62 6.95
CA GLN D 289 -0.34 37.27 7.41
C GLN D 289 -0.40 35.94 8.14
N GLU D 290 0.77 35.32 8.28
CA GLU D 290 0.85 34.03 8.95
C GLU D 290 0.67 34.21 10.45
N LEU D 291 -0.24 33.43 11.03
CA LEU D 291 -0.49 33.50 12.48
C LEU D 291 0.33 32.46 13.23
N MET D 292 0.13 31.18 12.92
CA MET D 292 0.85 30.12 13.60
C MET D 292 1.32 29.09 12.60
N THR D 293 2.47 28.49 12.90
CA THR D 293 3.06 27.41 12.12
C THR D 293 3.07 26.15 12.97
N TYR D 294 2.12 25.25 12.70
CA TYR D 294 2.08 23.93 13.34
C TYR D 294 3.04 23.02 12.59
N SER D 295 4.28 22.98 13.09
CA SER D 295 5.35 22.18 12.50
C SER D 295 6.15 21.51 13.60
N HIS D 296 6.71 20.35 13.28
CA HIS D 296 7.56 19.60 14.18
C HIS D 296 8.79 19.12 13.45
N ASP D 297 9.91 19.00 14.19
CA ASP D 297 11.16 18.55 13.60
C ASP D 297 11.18 17.05 13.36
N ASN D 298 10.30 16.28 13.99
CA ASN D 298 10.27 14.84 13.86
C ASN D 298 9.33 14.35 12.76
N ILE D 299 8.71 15.25 12.01
CA ILE D 299 7.88 14.89 10.87
C ILE D 299 8.49 15.49 9.62
N ILE D 300 8.66 14.65 8.59
CA ILE D 300 9.26 15.08 7.33
C ILE D 300 8.37 14.61 6.19
N CYS D 301 7.17 14.16 6.52
CA CYS D 301 6.26 13.57 5.57
C CYS D 301 5.16 14.57 5.17
N GLY D 302 4.43 14.23 4.12
CA GLY D 302 3.42 15.11 3.57
C GLY D 302 2.15 15.17 4.41
N ILE D 303 1.30 16.14 4.04
CA ILE D 303 -0.02 16.32 4.66
C ILE D 303 -1.05 16.34 3.55
N THR D 304 -2.05 15.46 3.64
CA THR D 304 -3.00 15.25 2.57
C THR D 304 -4.39 15.79 2.85
N SER D 305 -4.86 15.77 4.10
CA SER D 305 -6.21 16.21 4.41
C SER D 305 -6.22 16.97 5.73
N VAL D 306 -6.93 18.10 5.76
CA VAL D 306 -7.16 18.86 6.98
C VAL D 306 -8.65 19.14 7.12
N SER D 307 -9.07 19.34 8.37
CA SER D 307 -10.46 19.68 8.68
C SER D 307 -10.51 20.31 10.06
N PHE D 308 -11.55 21.10 10.29
CA PHE D 308 -11.79 21.77 11.56
C PHE D 308 -13.00 21.15 12.27
N SER D 309 -13.06 21.36 13.59
CA SER D 309 -14.16 20.87 14.40
C SER D 309 -15.30 21.88 14.38
N LYS D 310 -16.29 21.69 15.26
CA LYS D 310 -17.37 22.66 15.39
C LYS D 310 -16.87 23.95 16.03
N SER D 311 -16.13 23.83 17.14
CA SER D 311 -15.62 25.02 17.81
C SER D 311 -14.43 25.63 17.07
N GLY D 312 -13.72 24.82 16.30
CA GLY D 312 -12.50 25.27 15.66
C GLY D 312 -11.26 25.20 16.53
N ARG D 313 -11.39 24.73 17.78
CA ARG D 313 -10.23 24.59 18.64
C ARG D 313 -9.32 23.47 18.17
N LEU D 314 -9.90 22.31 17.84
CA LEU D 314 -9.14 21.16 17.38
C LEU D 314 -9.08 21.18 15.87
N LEU D 315 -7.88 21.44 15.33
CA LEU D 315 -7.64 21.32 13.89
C LEU D 315 -7.14 19.91 13.62
N LEU D 316 -7.89 19.16 12.82
CA LEU D 316 -7.56 17.78 12.56
C LEU D 316 -6.90 17.68 11.19
N ALA D 317 -5.73 17.03 11.14
CA ALA D 317 -4.93 16.99 9.93
C ALA D 317 -4.52 15.55 9.64
N GLY D 318 -4.54 15.17 8.36
CA GLY D 318 -4.07 13.86 7.96
C GLY D 318 -2.68 13.93 7.38
N TYR D 319 -1.73 13.22 7.98
CA TYR D 319 -0.34 13.28 7.57
C TYR D 319 0.03 12.07 6.72
N ASP D 320 1.30 11.97 6.36
CA ASP D 320 1.81 10.86 5.58
C ASP D 320 2.64 9.87 6.39
N ASP D 321 2.61 9.98 7.72
CA ASP D 321 3.26 9.02 8.60
C ASP D 321 2.32 7.88 9.00
N PHE D 322 1.35 7.54 8.14
CA PHE D 322 0.31 6.53 8.34
C PHE D 322 -0.58 6.86 9.53
N ASN D 323 -0.67 8.13 9.93
CA ASN D 323 -1.41 8.52 11.11
C ASN D 323 -1.77 10.00 11.00
N CYS D 324 -2.88 10.37 11.63
CA CYS D 324 -3.36 11.74 11.67
C CYS D 324 -2.91 12.42 12.95
N ASN D 325 -3.07 13.74 12.98
CA ASN D 325 -2.74 14.54 14.15
C ASN D 325 -3.90 15.47 14.47
N VAL D 326 -3.98 15.84 15.75
CA VAL D 326 -4.88 16.88 16.22
C VAL D 326 -4.03 18.02 16.77
N TRP D 327 -4.43 19.25 16.45
CA TRP D 327 -3.65 20.43 16.79
C TRP D 327 -4.51 21.40 17.55
N ASP D 328 -3.93 22.02 18.57
CA ASP D 328 -4.55 23.17 19.21
C ASP D 328 -4.35 24.36 18.27
N ALA D 329 -5.45 24.99 17.86
CA ALA D 329 -5.38 26.06 16.87
C ALA D 329 -4.80 27.36 17.43
N LEU D 330 -4.65 27.47 18.74
CA LEU D 330 -4.13 28.67 19.37
C LEU D 330 -2.76 28.47 20.00
N LYS D 331 -2.58 27.37 20.74
CA LYS D 331 -1.30 27.09 21.39
C LYS D 331 -0.22 26.61 20.42
N ALA D 332 -0.63 26.16 19.22
CA ALA D 332 0.26 25.56 18.22
C ALA D 332 1.06 24.38 18.79
N ASP D 333 0.37 23.55 19.58
CA ASP D 333 1.00 22.44 20.27
C ASP D 333 0.36 21.12 19.86
N ARG D 334 1.12 20.03 20.01
CA ARG D 334 0.62 18.71 19.65
C ARG D 334 -0.33 18.21 20.73
N ALA D 335 -1.51 17.76 20.31
CA ALA D 335 -2.53 17.31 21.25
C ALA D 335 -2.70 15.79 21.28
N GLY D 336 -2.38 15.10 20.20
CA GLY D 336 -2.52 13.65 20.18
C GLY D 336 -2.30 13.11 18.79
N VAL D 337 -2.11 11.80 18.72
CA VAL D 337 -1.84 11.08 17.48
C VAL D 337 -2.99 10.11 17.24
N LEU D 338 -3.51 10.11 16.02
CA LEU D 338 -4.58 9.21 15.58
C LEU D 338 -3.92 8.16 14.69
N ALA D 339 -3.55 7.03 15.30
CA ALA D 339 -2.82 5.98 14.60
C ALA D 339 -3.67 4.70 14.59
N GLY D 340 -4.37 4.47 13.49
CA GLY D 340 -5.16 3.28 13.35
C GLY D 340 -5.16 2.70 11.95
N HIS D 341 -4.40 3.32 11.04
CA HIS D 341 -4.40 2.95 9.63
C HIS D 341 -3.08 2.32 9.24
N ASP D 342 -3.15 1.33 8.36
CA ASP D 342 -1.96 0.66 7.85
C ASP D 342 -1.42 1.29 6.57
N ASN D 343 -2.15 2.22 5.97
CA ASN D 343 -1.65 2.91 4.78
C ASN D 343 -1.76 4.42 4.97
N ARG D 344 -1.44 5.19 3.94
CA ARG D 344 -1.32 6.63 4.08
C ARG D 344 -2.70 7.27 3.97
N VAL D 345 -3.02 8.16 4.90
CA VAL D 345 -4.36 8.72 5.04
C VAL D 345 -4.63 9.68 3.88
N SER D 346 -5.74 9.44 3.17
CA SER D 346 -6.09 10.24 2.00
C SER D 346 -7.30 11.13 2.17
N CYS D 347 -8.20 10.83 3.11
CA CYS D 347 -9.39 11.62 3.33
C CYS D 347 -9.66 11.74 4.83
N LEU D 348 -10.32 12.83 5.21
CA LEU D 348 -10.57 13.15 6.61
C LEU D 348 -11.70 14.16 6.68
N GLY D 349 -12.73 13.85 7.47
CA GLY D 349 -13.89 14.71 7.52
C GLY D 349 -14.55 14.79 8.89
N VAL D 350 -14.88 16.01 9.33
CA VAL D 350 -15.48 16.25 10.63
C VAL D 350 -16.92 16.69 10.41
N THR D 351 -17.84 16.14 11.21
CA THR D 351 -19.25 16.50 11.12
C THR D 351 -19.47 17.95 11.57
N ASP D 352 -20.59 18.52 11.11
CA ASP D 352 -20.92 19.90 11.44
C ASP D 352 -21.26 20.05 12.92
N ASP D 353 -21.96 19.08 13.50
CA ASP D 353 -22.23 19.11 14.93
C ASP D 353 -21.08 18.56 15.75
N GLY D 354 -20.04 18.02 15.11
CA GLY D 354 -18.82 17.64 15.80
C GLY D 354 -18.89 16.38 16.62
N MET D 355 -19.91 15.55 16.43
CA MET D 355 -20.07 14.39 17.29
C MET D 355 -19.23 13.19 16.83
N ALA D 356 -18.65 13.26 15.63
CA ALA D 356 -17.84 12.17 15.09
C ALA D 356 -16.88 12.71 14.04
N VAL D 357 -15.82 11.95 13.78
CA VAL D 357 -14.91 12.24 12.67
C VAL D 357 -14.67 10.95 11.90
N ALA D 358 -14.62 11.04 10.58
CA ALA D 358 -14.33 9.88 9.74
C ALA D 358 -12.99 10.07 9.04
N THR D 359 -12.26 8.97 8.88
CA THR D 359 -10.89 8.99 8.39
C THR D 359 -10.64 7.78 7.50
N GLY D 360 -10.06 8.00 6.33
CA GLY D 360 -9.68 6.90 5.46
C GLY D 360 -8.27 6.95 4.93
N SER D 361 -7.66 5.79 4.72
CA SER D 361 -6.35 5.66 4.08
C SER D 361 -6.54 4.78 2.86
N TRP D 362 -5.48 4.49 2.11
CA TRP D 362 -5.72 3.67 0.92
C TRP D 362 -5.83 2.18 1.21
N ASP D 363 -5.94 1.77 2.48
CA ASP D 363 -6.13 0.37 2.85
C ASP D 363 -7.59 -0.05 2.86
N SER D 364 -8.46 0.69 2.16
CA SER D 364 -9.87 0.37 1.92
C SER D 364 -10.69 0.32 3.23
N PHE D 365 -10.25 1.03 4.25
CA PHE D 365 -10.92 1.02 5.55
C PHE D 365 -11.28 2.43 5.96
N LEU D 366 -12.54 2.64 6.32
CA LEU D 366 -13.02 3.90 6.87
C LEU D 366 -13.23 3.74 8.37
N LYS D 367 -12.72 4.68 9.15
CA LYS D 367 -12.77 4.59 10.60
C LYS D 367 -13.41 5.84 11.16
N ILE D 368 -14.43 5.66 12.01
CA ILE D 368 -15.03 6.76 12.75
C ILE D 368 -14.37 6.81 14.13
N TRP D 369 -13.86 7.99 14.47
CA TRP D 369 -13.25 8.26 15.76
C TRP D 369 -14.11 9.28 16.50
N ASN D 370 -14.14 9.14 17.83
CA ASN D 370 -14.98 9.96 18.68
C ASN D 370 -14.39 9.94 20.08
N ARG E 13 1.21 41.56 -17.74
CA ARG E 13 0.38 42.76 -17.59
C ARG E 13 -0.81 42.48 -16.68
N LYS E 14 -1.40 41.30 -16.83
CA LYS E 14 -2.54 40.93 -15.99
C LYS E 14 -2.10 40.62 -14.57
N LEU E 15 -0.93 39.98 -14.41
CA LEU E 15 -0.44 39.64 -13.07
C LEU E 15 -0.03 40.88 -12.30
N VAL E 16 0.60 41.85 -12.98
CA VAL E 16 1.00 43.10 -12.34
C VAL E 16 -0.24 43.91 -11.93
N GLU E 17 -1.26 43.94 -12.78
CA GLU E 17 -2.50 44.62 -12.45
C GLU E 17 -3.24 43.94 -11.29
N GLN E 18 -3.22 42.60 -11.26
CA GLN E 18 -3.84 41.86 -10.15
C GLN E 18 -3.10 42.13 -8.84
N LEU E 19 -1.76 42.14 -8.88
CA LEU E 19 -0.99 42.40 -7.66
C LEU E 19 -1.12 43.85 -7.21
N LYS E 20 -1.30 44.78 -8.16
CA LYS E 20 -1.56 46.17 -7.79
C LYS E 20 -2.95 46.36 -7.21
N MET E 21 -3.93 45.61 -7.69
CA MET E 21 -5.28 45.66 -7.11
C MET E 21 -5.28 45.04 -5.72
N GLU E 22 -4.51 43.97 -5.53
CA GLU E 22 -4.41 43.33 -4.22
C GLU E 22 -3.51 44.08 -3.26
N ALA E 23 -2.69 45.02 -3.74
CA ALA E 23 -1.87 45.83 -2.85
C ALA E 23 -2.70 46.81 -2.04
N ASN E 24 -3.74 47.38 -2.66
CA ASN E 24 -4.59 48.37 -2.00
C ASN E 24 -5.71 47.63 -1.27
N ILE E 25 -5.38 47.13 -0.08
CA ILE E 25 -6.32 46.41 0.77
C ILE E 25 -6.27 46.99 2.18
N ASP E 26 -7.34 46.76 2.92
CA ASP E 26 -7.45 47.19 4.31
C ASP E 26 -7.03 46.04 5.22
N ARG E 27 -5.99 46.26 6.03
CA ARG E 27 -5.47 45.24 6.93
C ARG E 27 -5.65 45.71 8.36
N ILE E 28 -6.40 44.95 9.15
CA ILE E 28 -6.56 45.22 10.57
C ILE E 28 -5.35 44.66 11.30
N LYS E 29 -5.20 45.01 12.58
CA LYS E 29 -4.06 44.58 13.36
C LYS E 29 -4.09 43.07 13.61
N VAL E 30 -2.90 42.48 13.69
CA VAL E 30 -2.78 41.03 13.90
C VAL E 30 -3.24 40.66 15.31
N SER E 31 -3.04 41.54 16.29
CA SER E 31 -3.55 41.30 17.63
C SER E 31 -5.07 41.40 17.67
N LYS E 32 -5.67 42.23 16.81
CA LYS E 32 -7.13 42.28 16.71
C LYS E 32 -7.69 40.98 16.12
N ALA E 33 -7.02 40.42 15.11
CA ALA E 33 -7.43 39.13 14.57
C ALA E 33 -7.23 38.01 15.58
N ALA E 34 -6.16 38.09 16.37
CA ALA E 34 -5.92 37.13 17.44
C ALA E 34 -7.00 37.22 18.51
N ALA E 35 -7.43 38.45 18.84
CA ALA E 35 -8.49 38.63 19.83
C ALA E 35 -9.83 38.12 19.32
N ASP E 36 -10.13 38.34 18.04
CA ASP E 36 -11.39 37.84 17.47
C ASP E 36 -11.40 36.32 17.40
N LEU E 37 -10.25 35.72 17.04
CA LEU E 37 -10.12 34.27 17.02
C LEU E 37 -10.23 33.70 18.43
N MET E 38 -9.67 34.41 19.41
CA MET E 38 -9.80 34.04 20.82
C MET E 38 -11.25 34.07 21.28
N ALA E 39 -11.99 35.11 20.87
CA ALA E 39 -13.38 35.27 21.28
C ALA E 39 -14.25 34.19 20.66
N TYR E 40 -14.03 33.85 19.39
CA TYR E 40 -14.82 32.78 18.77
C TYR E 40 -14.43 31.41 19.33
N CYS E 41 -13.17 31.22 19.71
CA CYS E 41 -12.76 29.93 20.25
C CYS E 41 -13.30 29.72 21.67
N GLU E 42 -13.28 30.77 22.50
CA GLU E 42 -13.80 30.67 23.85
C GLU E 42 -15.31 30.86 23.92
N ALA E 43 -15.95 31.26 22.83
CA ALA E 43 -17.40 31.43 22.81
C ALA E 43 -18.15 30.14 22.46
N HIS E 44 -17.45 29.07 22.14
CA HIS E 44 -18.08 27.82 21.74
C HIS E 44 -17.42 26.64 22.45
N ALA E 45 -17.16 26.78 23.75
CA ALA E 45 -16.60 25.67 24.51
C ALA E 45 -17.66 24.62 24.85
N LYS E 46 -18.89 25.06 25.15
CA LYS E 46 -19.94 24.14 25.55
C LYS E 46 -20.51 23.35 24.39
N GLU E 47 -20.28 23.79 23.15
CA GLU E 47 -20.73 23.08 21.97
C GLU E 47 -19.61 22.29 21.30
N ASP E 48 -18.52 22.05 22.01
CA ASP E 48 -17.39 21.30 21.49
C ASP E 48 -17.36 19.91 22.11
N PRO E 49 -17.70 18.86 21.37
CA PRO E 49 -17.74 17.51 21.95
C PRO E 49 -16.36 16.88 22.16
N LEU E 50 -15.29 17.55 21.78
CA LEU E 50 -13.94 17.01 21.96
C LEU E 50 -13.13 17.81 22.98
N GLN F 1 6.99 33.26 -0.06
CA GLN F 1 7.09 33.34 -1.51
C GLN F 1 8.45 32.80 -1.99
N VAL F 2 8.40 31.83 -2.89
CA VAL F 2 9.62 31.26 -3.46
C VAL F 2 10.07 32.11 -4.65
N GLN F 3 11.38 32.28 -4.79
CA GLN F 3 11.93 33.11 -5.85
C GLN F 3 13.33 32.64 -6.17
N LEU F 4 13.59 32.34 -7.44
CA LEU F 4 14.90 31.89 -7.91
C LEU F 4 15.39 32.90 -8.94
N GLN F 5 16.55 33.50 -8.68
CA GLN F 5 17.11 34.54 -9.55
C GLN F 5 18.47 34.11 -10.06
N GLU F 6 18.66 34.15 -11.37
CA GLU F 6 19.90 33.74 -12.00
C GLU F 6 20.78 34.94 -12.33
N SER F 7 22.09 34.68 -12.38
CA SER F 7 23.06 35.71 -12.74
C SER F 7 24.29 35.04 -13.34
N GLY F 8 24.91 35.70 -14.31
CA GLY F 8 26.09 35.18 -14.95
C GLY F 8 25.82 34.62 -16.34
N LEU F 18 33.29 32.41 -16.89
CA LEU F 18 31.84 32.53 -16.83
C LEU F 18 31.28 31.58 -15.77
N ARG F 19 30.74 32.14 -14.69
CA ARG F 19 30.26 31.36 -13.56
C ARG F 19 28.82 31.76 -13.27
N LEU F 20 27.95 30.77 -13.16
CA LEU F 20 26.52 30.96 -12.93
C LEU F 20 26.22 30.95 -11.44
N SER F 21 25.44 31.93 -10.98
CA SER F 21 25.00 31.98 -9.60
C SER F 21 23.48 32.10 -9.56
N CYS F 22 22.84 31.17 -8.88
CA CYS F 22 21.39 31.19 -8.68
C CYS F 22 21.08 31.42 -7.22
N ALA F 23 20.28 32.45 -6.94
CA ALA F 23 19.92 32.83 -5.59
C ALA F 23 18.52 32.34 -5.28
N ALA F 24 18.38 31.70 -4.13
CA ALA F 24 17.12 31.12 -3.66
C ALA F 24 16.77 31.71 -2.30
N SER F 25 15.50 32.04 -2.11
CA SER F 25 15.05 32.64 -0.87
C SER F 25 13.59 32.27 -0.62
N GLY F 26 13.16 32.42 0.62
CA GLY F 26 11.80 32.14 1.01
C GLY F 26 11.51 30.71 1.40
N PHE F 27 12.51 29.83 1.38
CA PHE F 27 12.30 28.44 1.74
C PHE F 27 13.60 27.87 2.28
N THR F 28 13.49 26.76 3.01
CA THR F 28 14.68 26.11 3.56
C THR F 28 15.52 25.48 2.46
N PHE F 29 16.83 25.62 2.59
CA PHE F 29 17.73 25.39 1.46
C PHE F 29 18.31 23.98 1.43
N SER F 30 18.67 23.42 2.57
CA SER F 30 19.38 22.15 2.62
C SER F 30 18.45 20.94 2.68
N ASN F 31 17.19 21.10 2.30
CA ASN F 31 16.23 20.00 2.31
C ASN F 31 15.68 19.68 0.92
N TYR F 32 16.23 20.28 -0.13
CA TYR F 32 15.72 20.11 -1.48
C TYR F 32 16.85 19.78 -2.44
N LYS F 33 16.52 18.99 -3.45
CA LYS F 33 17.46 18.62 -4.52
C LYS F 33 17.24 19.59 -5.68
N MET F 34 18.30 20.30 -6.07
CA MET F 34 18.20 21.32 -7.09
C MET F 34 18.84 20.87 -8.40
N ASN F 35 18.39 21.49 -9.49
CA ASN F 35 18.69 21.08 -10.85
C ASN F 35 19.14 22.31 -11.65
N TRP F 36 19.85 22.07 -12.74
CA TRP F 36 20.09 23.10 -13.74
C TRP F 36 19.51 22.62 -15.05
N VAL F 37 18.74 23.46 -15.75
CA VAL F 37 18.18 23.12 -17.04
C VAL F 37 18.47 24.25 -18.01
N ARG F 38 18.50 23.94 -19.31
CA ARG F 38 18.75 24.93 -20.34
C ARG F 38 17.68 24.89 -21.42
N GLN F 39 17.49 26.04 -22.06
CA GLN F 39 16.51 26.21 -23.13
C GLN F 39 17.24 26.83 -24.32
N ALA F 40 17.62 26.00 -25.27
CA ALA F 40 18.13 26.50 -26.52
C ALA F 40 16.96 26.90 -27.43
N PRO F 41 17.10 27.97 -28.21
CA PRO F 41 15.99 28.38 -29.07
C PRO F 41 15.81 27.43 -30.25
N GLY F 42 14.54 27.18 -30.58
CA GLY F 42 14.17 26.22 -31.60
C GLY F 42 13.87 24.82 -31.10
N LYS F 43 13.92 24.61 -29.79
CA LYS F 43 13.68 23.28 -29.21
C LYS F 43 13.11 23.47 -27.81
N GLY F 44 12.89 22.35 -27.13
CA GLY F 44 12.40 22.36 -25.77
C GLY F 44 13.51 22.41 -24.73
N LEU F 45 13.11 22.26 -23.48
CA LEU F 45 14.07 22.29 -22.37
C LEU F 45 14.82 20.96 -22.27
N GLU F 46 15.95 21.01 -21.57
CA GLU F 46 16.78 19.82 -21.38
C GLU F 46 17.51 19.94 -20.05
N TRP F 47 17.61 18.80 -19.35
CA TRP F 47 18.29 18.75 -18.07
C TRP F 47 19.80 18.83 -18.26
N VAL F 48 20.48 19.49 -17.33
CA VAL F 48 21.94 19.63 -17.40
C VAL F 48 22.60 18.83 -16.29
N SER F 49 22.31 19.17 -15.05
CA SER F 49 22.98 18.52 -13.92
C SER F 49 22.08 18.62 -12.69
N ASP F 50 22.34 17.75 -11.71
CA ASP F 50 21.60 17.80 -10.47
C ASP F 50 22.56 17.75 -9.28
N ILE F 51 22.08 18.23 -8.13
CA ILE F 51 22.85 18.13 -6.90
C ILE F 51 21.89 17.80 -5.76
N SER F 52 22.31 16.90 -4.87
CA SER F 52 21.47 16.45 -3.77
C SER F 52 21.65 17.39 -2.57
N GLN F 53 21.08 16.98 -1.42
CA GLN F 53 21.18 17.79 -0.22
C GLN F 53 22.60 17.77 0.35
N SER F 54 23.23 16.59 0.38
CA SER F 54 24.58 16.45 0.89
C SER F 54 25.65 16.80 -0.13
N GLY F 55 25.27 16.99 -1.40
CA GLY F 55 26.25 17.27 -2.43
C GLY F 55 27.04 16.08 -2.90
N ALA F 56 26.63 14.86 -2.56
CA ALA F 56 27.36 13.66 -2.96
C ALA F 56 26.84 13.10 -4.28
N SER F 57 25.54 12.86 -4.38
CA SER F 57 24.93 12.29 -5.58
C SER F 57 24.82 13.39 -6.63
N ILE F 58 25.83 13.48 -7.50
CA ILE F 58 25.89 14.48 -8.56
C ILE F 58 25.90 13.76 -9.90
N SER F 59 25.02 14.16 -10.81
CA SER F 59 24.98 13.62 -12.15
C SER F 59 24.86 14.75 -13.16
N TYR F 60 25.35 14.47 -14.38
CA TYR F 60 25.38 15.43 -15.46
C TYR F 60 24.82 14.78 -16.73
N THR F 61 24.44 15.62 -17.68
CA THR F 61 24.18 15.15 -19.03
C THR F 61 25.49 14.71 -19.66
N GLY F 62 25.43 13.66 -20.49
CA GLY F 62 26.63 13.14 -21.12
C GLY F 62 27.28 14.09 -22.11
N SER F 63 26.49 14.97 -22.73
CA SER F 63 27.05 15.96 -23.65
C SER F 63 27.89 17.01 -22.94
N VAL F 64 27.66 17.22 -21.65
CA VAL F 64 28.42 18.20 -20.87
C VAL F 64 29.12 17.53 -19.69
N LYS F 65 29.27 16.22 -19.73
CA LYS F 65 29.90 15.49 -18.63
C LYS F 65 31.41 15.73 -18.62
N GLY F 66 31.98 15.80 -17.42
CA GLY F 66 33.41 15.99 -17.29
C GLY F 66 33.90 17.39 -17.61
N ARG F 67 33.01 18.35 -17.71
CA ARG F 67 33.36 19.72 -18.07
C ARG F 67 32.84 20.75 -17.07
N PHE F 68 31.63 20.56 -16.55
CA PHE F 68 31.01 21.57 -15.70
C PHE F 68 31.21 21.21 -14.23
N THR F 69 31.15 22.22 -13.38
CA THR F 69 31.31 22.02 -11.94
C THR F 69 30.14 22.65 -11.20
N ILE F 70 29.21 21.82 -10.75
CA ILE F 70 28.03 22.29 -10.03
C ILE F 70 28.29 22.15 -8.53
N SER F 71 27.87 23.14 -7.76
CA SER F 71 28.15 23.16 -6.32
C SER F 71 27.04 23.90 -5.60
N ARG F 72 26.89 23.59 -4.31
CA ARG F 72 25.86 24.21 -3.47
C ARG F 72 26.50 24.55 -2.13
N ASP F 73 26.30 25.79 -1.68
CA ASP F 73 26.62 26.19 -0.31
C ASP F 73 25.36 26.67 0.42
N ASN F 74 25.15 26.14 1.62
CA ASN F 74 23.93 26.44 2.35
C ASN F 74 24.05 27.72 3.17
N ALA F 75 25.26 28.09 3.57
CA ALA F 75 25.45 29.30 4.36
C ALA F 75 25.20 30.56 3.54
N LYS F 76 25.64 30.55 2.28
CA LYS F 76 25.32 31.64 1.37
C LYS F 76 23.94 31.50 0.74
N ASN F 77 23.31 30.33 0.89
CA ASN F 77 21.96 30.02 0.39
C ASN F 77 21.83 30.26 -1.12
N THR F 78 22.79 29.73 -1.87
CA THR F 78 22.83 29.93 -3.31
C THR F 78 23.48 28.73 -3.97
N LEU F 79 23.33 28.67 -5.29
CA LEU F 79 23.79 27.55 -6.10
C LEU F 79 24.77 28.07 -7.14
N TYR F 80 25.88 27.37 -7.36
CA TYR F 80 26.91 27.81 -8.27
C TYR F 80 27.17 26.77 -9.35
N LEU F 81 27.52 27.26 -10.53
CA LEU F 81 27.92 26.41 -11.64
C LEU F 81 29.12 27.04 -12.33
N GLN F 82 30.13 26.23 -12.61
CA GLN F 82 31.40 26.68 -13.17
C GLN F 82 31.60 26.06 -14.55
N MET F 83 31.95 26.90 -15.52
CA MET F 83 32.09 26.49 -16.91
C MET F 83 33.50 26.80 -17.40
N ASN F 84 34.08 25.85 -18.13
CA ASN F 84 35.31 26.08 -18.88
C ASN F 84 35.27 25.26 -20.16
N SER F 85 36.04 25.72 -21.15
CA SER F 85 36.09 25.15 -22.51
C SER F 85 34.70 25.06 -23.14
N LEU F 86 34.11 26.25 -23.35
CA LEU F 86 32.75 26.34 -23.86
C LEU F 86 32.68 25.95 -25.33
N LYS F 87 31.46 25.70 -25.79
CA LYS F 87 31.15 25.33 -27.16
C LYS F 87 30.08 26.27 -27.69
N PRO F 88 29.98 26.44 -29.02
CA PRO F 88 28.88 27.25 -29.58
C PRO F 88 27.49 26.65 -29.38
N GLU F 89 27.39 25.37 -29.03
CA GLU F 89 26.08 24.75 -28.79
C GLU F 89 25.49 25.10 -27.42
N ASP F 90 26.23 25.81 -26.57
CA ASP F 90 25.78 26.12 -25.22
C ASP F 90 25.02 27.44 -25.14
N THR F 91 24.73 28.09 -26.27
CA THR F 91 23.99 29.35 -26.27
C THR F 91 22.53 29.07 -25.95
N ALA F 92 22.15 29.30 -24.70
CA ALA F 92 20.81 28.93 -24.24
C ALA F 92 20.44 29.78 -23.03
N VAL F 93 19.17 29.69 -22.63
CA VAL F 93 18.68 30.33 -21.42
C VAL F 93 18.77 29.33 -20.28
N TYR F 94 19.40 29.72 -19.18
CA TYR F 94 19.79 28.82 -18.11
C TYR F 94 18.91 29.04 -16.88
N TYR F 95 18.07 28.05 -16.56
CA TYR F 95 17.21 28.10 -15.39
C TYR F 95 17.77 27.20 -14.29
N CYS F 96 17.71 27.67 -13.05
CA CYS F 96 17.91 26.81 -11.90
C CYS F 96 16.55 26.35 -11.41
N ALA F 97 16.39 25.05 -11.21
CA ALA F 97 15.09 24.46 -10.89
C ALA F 97 15.18 23.69 -9.59
N ARG F 98 14.02 23.38 -9.03
CA ARG F 98 13.92 22.60 -7.80
C ARG F 98 12.68 21.72 -7.88
N CYS F 99 12.88 20.42 -7.70
CA CYS F 99 11.69 19.57 -7.66
C CYS F 99 11.06 19.62 -6.27
N PRO F 100 9.71 19.67 -6.18
CA PRO F 100 9.06 20.28 -5.02
C PRO F 100 9.07 19.45 -3.74
N ALA F 101 9.12 18.14 -3.85
CA ALA F 101 9.06 17.29 -2.67
C ALA F 101 10.39 17.31 -1.93
N PRO F 102 10.43 17.74 -0.68
CA PRO F 102 11.69 17.69 0.07
C PRO F 102 11.98 16.28 0.57
N PHE F 103 13.23 16.09 0.99
CA PHE F 103 13.78 14.81 1.48
C PHE F 103 13.59 13.70 0.46
N THR F 104 13.83 14.02 -0.81
CA THR F 104 13.67 13.04 -1.88
C THR F 104 14.83 13.11 -2.87
N CYS F 107 10.70 13.41 -8.04
CA CYS F 107 11.40 14.55 -8.61
C CYS F 107 11.19 14.56 -10.13
N PHE F 108 10.03 15.07 -10.54
CA PHE F 108 9.52 14.86 -11.90
C PHE F 108 9.57 16.11 -12.77
N ASP F 109 8.92 17.20 -12.35
CA ASP F 109 8.41 18.18 -13.28
C ASP F 109 9.35 19.37 -13.51
N VAL F 110 10.66 19.17 -13.33
CA VAL F 110 11.58 20.27 -13.56
C VAL F 110 11.81 20.50 -15.06
N THR F 111 11.65 19.48 -15.89
CA THR F 111 11.72 19.63 -17.35
C THR F 111 10.29 19.70 -17.86
N SER F 112 9.69 20.88 -17.71
CA SER F 112 8.28 21.07 -18.03
C SER F 112 8.10 22.40 -18.74
N THR F 113 6.97 22.51 -19.45
CA THR F 113 6.63 23.76 -20.14
C THR F 113 6.35 24.87 -19.14
N THR F 114 5.49 24.61 -18.16
CA THR F 114 5.19 25.56 -17.11
C THR F 114 5.57 24.95 -15.76
N TYR F 115 6.34 25.71 -14.99
CA TYR F 115 6.80 25.24 -13.69
C TYR F 115 6.73 26.39 -12.70
N ALA F 116 6.52 26.04 -11.43
CA ALA F 116 6.30 27.03 -10.40
C ALA F 116 7.50 27.25 -9.47
N TYR F 117 8.54 26.45 -9.59
CA TYR F 117 9.70 26.54 -8.70
C TYR F 117 11.00 26.66 -9.50
N ARG F 118 10.99 27.49 -10.53
CA ARG F 118 12.21 27.77 -11.28
C ARG F 118 12.17 29.20 -11.79
N GLY F 119 13.34 29.77 -12.03
CA GLY F 119 13.47 31.17 -12.37
C GLY F 119 13.19 31.48 -13.82
N GLN F 120 13.36 32.76 -14.16
CA GLN F 120 13.13 33.22 -15.53
C GLN F 120 14.33 32.99 -16.44
N GLY F 121 15.51 32.75 -15.88
CA GLY F 121 16.66 32.36 -16.67
C GLY F 121 17.42 33.53 -17.27
N THR F 122 18.68 33.27 -17.60
CA THR F 122 19.56 34.23 -18.25
C THR F 122 20.05 33.66 -19.56
N GLN F 123 20.17 34.52 -20.57
CA GLN F 123 20.63 34.11 -21.89
C GLN F 123 22.14 34.12 -21.94
N VAL F 124 22.74 33.01 -22.38
CA VAL F 124 24.19 32.85 -22.46
C VAL F 124 24.54 32.50 -23.90
N THR F 125 25.38 33.32 -24.52
CA THR F 125 25.88 33.09 -25.87
C THR F 125 27.38 33.31 -25.89
N VAL F 126 28.10 32.45 -26.60
CA VAL F 126 29.55 32.53 -26.67
C VAL F 126 29.97 33.61 -27.67
#